data_6D6L
#
_entry.id   6D6L
#
_cell.length_a   56.120
_cell.length_b   84.550
_cell.length_c   76.990
_cell.angle_alpha   90.00
_cell.angle_beta   101.09
_cell.angle_gamma   90.00
#
_symmetry.space_group_name_H-M   'P 1 21 1'
#
loop_
_entity.id
_entity.type
_entity.pdbx_description
1 polymer 'Transcriptional activator protein LasR'
2 non-polymer '2,4-dibromo-6-{[(2-nitrobenzene-1-carbonyl)amino]methyl}phenyl 4-chlorobenzoate'
3 water water
#
_entity_poly.entity_id   1
_entity_poly.type   'polypeptide(L)'
_entity_poly.pdbx_seq_one_letter_code
;MALVDGFLELERSSGKLEWSAILQKMASDLGFSKILFGLLPKDSQDYENAFIVGNYPAAWREHYDRAGYARVDPTVSHCT
QSVLPIFWEPSIYQTRKQHEFFEEASAAGLVYGLTMPLHGARGELGALSLSVEAENRAEANRFMESVLPTLWMLKDYALQ
SGAGLAFEHP
;
_entity_poly.pdbx_strand_id   A,B,C,D
#
loop_
_chem_comp.id
_chem_comp.type
_chem_comp.name
_chem_comp.formula
FY4 non-polymer '2,4-dibromo-6-{[(2-nitrobenzene-1-carbonyl)amino]methyl}phenyl 4-chlorobenzoate' 'C21 H13 Br2 Cl N2 O5'
#
# COMPACT_ATOMS: atom_id res chain seq x y z
N GLY A 6 -11.90 -3.61 6.00
CA GLY A 6 -12.68 -3.30 4.77
C GLY A 6 -13.46 -4.51 4.28
N PHE A 7 -12.75 -5.63 4.16
CA PHE A 7 -13.36 -6.92 3.82
C PHE A 7 -14.14 -7.49 5.01
N LEU A 8 -13.87 -6.98 6.21
CA LEU A 8 -14.50 -7.43 7.45
C LEU A 8 -16.03 -7.28 7.44
N GLU A 9 -16.53 -6.32 6.67
CA GLU A 9 -17.97 -6.08 6.53
C GLU A 9 -18.76 -7.30 6.08
N LEU A 10 -18.18 -8.13 5.21
CA LEU A 10 -18.83 -9.35 4.74
C LEU A 10 -19.12 -10.32 5.87
N GLU A 11 -18.14 -10.55 6.74
CA GLU A 11 -18.31 -11.37 7.95
C GLU A 11 -19.27 -10.74 8.94
N ARG A 12 -19.20 -9.42 9.04
CA ARG A 12 -20.00 -8.64 9.99
C ARG A 12 -21.51 -8.71 9.69
N SER A 13 -21.88 -8.89 8.43
CA SER A 13 -23.28 -8.85 8.01
C SER A 13 -24.08 -10.10 8.41
N SER A 14 -25.39 -9.92 8.52
CA SER A 14 -26.30 -11.02 8.79
C SER A 14 -27.40 -11.08 7.74
N GLY A 15 -27.51 -12.23 7.08
CA GLY A 15 -28.52 -12.46 6.06
C GLY A 15 -27.96 -12.30 4.67
N LYS A 16 -28.45 -13.11 3.73
CA LYS A 16 -27.95 -13.10 2.35
C LYS A 16 -28.23 -11.77 1.64
N LEU A 17 -29.29 -11.07 2.06
CA LEU A 17 -29.65 -9.77 1.50
C LEU A 17 -28.53 -8.76 1.69
N GLU A 18 -28.14 -8.54 2.95
CA GLU A 18 -27.11 -7.58 3.30
C GLU A 18 -25.76 -7.99 2.75
N TRP A 19 -25.44 -9.28 2.89
CA TRP A 19 -24.17 -9.82 2.39
C TRP A 19 -24.05 -9.58 0.89
N SER A 20 -25.11 -9.92 0.14
CA SER A 20 -25.08 -9.71 -1.32
C SER A 20 -24.93 -8.24 -1.68
N ALA A 21 -25.64 -7.36 -0.97
CA ALA A 21 -25.53 -5.91 -1.21
C ALA A 21 -24.11 -5.39 -0.95
N ILE A 22 -23.48 -5.88 0.12
CA ILE A 22 -22.11 -5.50 0.46
C ILE A 22 -21.14 -5.95 -0.64
N LEU A 23 -21.25 -7.21 -1.07
CA LEU A 23 -20.39 -7.75 -2.13
C LEU A 23 -20.58 -6.96 -3.44
N GLN A 24 -21.83 -6.68 -3.78
CA GLN A 24 -22.16 -5.91 -4.99
C GLN A 24 -21.54 -4.51 -4.96
N LYS A 25 -21.59 -3.86 -3.79
CA LYS A 25 -21.00 -2.54 -3.61
C LYS A 25 -19.48 -2.56 -3.73
N MET A 26 -18.86 -3.54 -3.08
CA MET A 26 -17.40 -3.71 -3.16
C MET A 26 -16.96 -3.91 -4.60
N ALA A 27 -17.71 -4.73 -5.33
CA ALA A 27 -17.41 -5.01 -6.74
C ALA A 27 -17.60 -3.76 -7.58
N SER A 28 -18.69 -3.03 -7.31
CA SER A 28 -18.95 -1.77 -8.00
C SER A 28 -17.83 -0.75 -7.77
N ASP A 29 -17.35 -0.67 -6.53
CA ASP A 29 -16.24 0.23 -6.21
C ASP A 29 -14.96 -0.13 -6.96
N LEU A 30 -14.83 -1.40 -7.35
CA LEU A 30 -13.70 -1.87 -8.14
C LEU A 30 -13.94 -1.75 -9.65
N GLY A 31 -15.12 -1.26 -10.02
CA GLY A 31 -15.45 -0.96 -11.42
C GLY A 31 -16.34 -1.97 -12.12
N PHE A 32 -16.91 -2.91 -11.37
CA PHE A 32 -17.77 -3.95 -11.94
C PHE A 32 -19.24 -3.74 -11.61
N SER A 33 -20.06 -3.46 -12.61
CA SER A 33 -21.46 -3.12 -12.35
C SER A 33 -22.36 -4.35 -12.12
N LYS A 34 -21.92 -5.53 -12.58
CA LYS A 34 -22.71 -6.75 -12.45
C LYS A 34 -21.85 -7.89 -11.96
N ILE A 35 -22.36 -8.64 -10.98
CA ILE A 35 -21.61 -9.77 -10.45
C ILE A 35 -22.55 -10.92 -10.15
N LEU A 36 -22.00 -12.13 -10.16
CA LEU A 36 -22.73 -13.32 -9.73
C LEU A 36 -21.81 -14.18 -8.89
N PHE A 37 -22.26 -14.48 -7.67
CA PHE A 37 -21.52 -15.37 -6.76
C PHE A 37 -22.32 -16.66 -6.70
N GLY A 38 -21.69 -17.74 -7.13
CA GLY A 38 -22.36 -19.05 -7.15
C GLY A 38 -21.51 -20.06 -6.41
N LEU A 39 -22.15 -20.83 -5.52
CA LEU A 39 -21.42 -21.79 -4.71
C LEU A 39 -22.24 -23.06 -4.53
N LEU A 40 -21.57 -24.20 -4.73
CA LEU A 40 -22.15 -25.53 -4.59
C LEU A 40 -21.50 -26.26 -3.43
N PRO A 41 -22.30 -27.07 -2.70
CA PRO A 41 -21.72 -27.98 -1.70
C PRO A 41 -20.77 -28.98 -2.33
N LYS A 42 -19.86 -29.53 -1.52
CA LYS A 42 -18.92 -30.56 -1.96
C LYS A 42 -19.61 -31.71 -2.71
N ASP A 43 -19.04 -32.06 -3.86
CA ASP A 43 -19.50 -33.16 -4.72
C ASP A 43 -20.97 -33.08 -5.16
N SER A 44 -21.45 -31.85 -5.37
CA SER A 44 -22.81 -31.65 -5.88
C SER A 44 -22.98 -32.29 -7.25
N GLN A 45 -24.13 -32.92 -7.47
CA GLN A 45 -24.41 -33.64 -8.71
C GLN A 45 -25.39 -32.87 -9.60
N ASP A 46 -25.97 -31.82 -9.03
CA ASP A 46 -26.85 -30.91 -9.74
C ASP A 46 -26.76 -29.52 -9.09
N TYR A 47 -27.67 -28.62 -9.45
CA TYR A 47 -27.66 -27.24 -8.95
C TYR A 47 -28.75 -26.97 -7.93
N GLU A 48 -29.40 -28.04 -7.48
CA GLU A 48 -30.54 -27.91 -6.57
C GLU A 48 -30.19 -27.28 -5.22
N ASN A 49 -28.96 -27.50 -4.77
CA ASN A 49 -28.50 -27.01 -3.47
C ASN A 49 -27.52 -25.85 -3.58
N ALA A 50 -27.49 -25.22 -4.75
CA ALA A 50 -26.61 -24.09 -4.99
C ALA A 50 -27.05 -22.83 -4.25
N PHE A 51 -26.05 -22.04 -3.86
CA PHE A 51 -26.26 -20.70 -3.34
C PHE A 51 -25.81 -19.74 -4.43
N ILE A 52 -26.76 -19.01 -5.00
CA ILE A 52 -26.45 -18.08 -6.09
C ILE A 52 -27.05 -16.72 -5.79
N VAL A 53 -26.18 -15.71 -5.66
CA VAL A 53 -26.61 -14.35 -5.39
C VAL A 53 -25.84 -13.37 -6.28
N GLY A 54 -26.45 -12.22 -6.54
CA GLY A 54 -25.79 -11.18 -7.32
C GLY A 54 -26.79 -10.26 -7.99
N ASN A 55 -26.32 -9.45 -8.93
CA ASN A 55 -27.21 -8.52 -9.61
C ASN A 55 -27.24 -8.69 -11.13
N TYR A 56 -26.90 -9.89 -11.60
CA TYR A 56 -27.17 -10.24 -13.00
C TYR A 56 -28.67 -10.07 -13.26
N PRO A 57 -29.05 -9.62 -14.46
CA PRO A 57 -30.49 -9.45 -14.73
C PRO A 57 -31.29 -10.75 -14.63
N ALA A 58 -32.50 -10.65 -14.08
CA ALA A 58 -33.40 -11.79 -13.97
C ALA A 58 -33.60 -12.54 -15.30
N ALA A 59 -33.83 -11.81 -16.39
CA ALA A 59 -34.10 -12.42 -17.68
C ALA A 59 -32.95 -13.33 -18.12
N TRP A 60 -31.73 -12.87 -17.90
CA TRP A 60 -30.53 -13.63 -18.25
C TRP A 60 -30.37 -14.84 -17.34
N ARG A 61 -30.55 -14.65 -16.04
CA ARG A 61 -30.52 -15.78 -15.10
C ARG A 61 -31.47 -16.89 -15.54
N GLU A 62 -32.71 -16.52 -15.87
CA GLU A 62 -33.74 -17.48 -16.29
C GLU A 62 -33.35 -18.17 -17.60
N HIS A 63 -32.89 -17.39 -18.57
CA HIS A 63 -32.51 -17.92 -19.88
C HIS A 63 -31.33 -18.88 -19.80
N TYR A 64 -30.31 -18.50 -19.05
CA TYR A 64 -29.13 -19.34 -18.85
C TYR A 64 -29.53 -20.71 -18.29
N ASP A 65 -30.45 -20.69 -17.33
CA ASP A 65 -30.97 -21.93 -16.76
C ASP A 65 -31.77 -22.74 -17.78
N ARG A 66 -32.73 -22.08 -18.43
CA ARG A 66 -33.61 -22.75 -19.39
C ARG A 66 -32.91 -23.33 -20.62
N ALA A 67 -31.86 -22.65 -21.07
CA ALA A 67 -31.08 -23.08 -22.24
C ALA A 67 -29.98 -24.10 -21.91
N GLY A 68 -29.81 -24.39 -20.62
CA GLY A 68 -28.79 -25.34 -20.15
C GLY A 68 -27.37 -24.86 -20.36
N TYR A 69 -27.16 -23.55 -20.21
CA TYR A 69 -25.84 -22.98 -20.48
C TYR A 69 -24.74 -23.42 -19.50
N ALA A 70 -25.11 -23.96 -18.35
CA ALA A 70 -24.10 -24.48 -17.41
C ALA A 70 -23.26 -25.59 -18.05
N ARG A 71 -23.80 -26.20 -19.10
CA ARG A 71 -23.11 -27.28 -19.82
C ARG A 71 -22.39 -26.79 -21.08
N VAL A 72 -22.48 -25.49 -21.35
CA VAL A 72 -21.92 -24.85 -22.55
C VAL A 72 -20.85 -23.82 -22.18
N ASP A 73 -21.24 -22.91 -21.29
CA ASP A 73 -20.38 -21.88 -20.71
C ASP A 73 -18.97 -22.40 -20.42
N PRO A 74 -17.96 -21.89 -21.16
CA PRO A 74 -16.60 -22.43 -20.99
C PRO A 74 -15.95 -22.11 -19.64
N THR A 75 -16.48 -21.10 -18.94
CA THR A 75 -15.93 -20.73 -17.64
C THR A 75 -16.27 -21.78 -16.57
N VAL A 76 -17.36 -22.52 -16.79
CA VAL A 76 -17.82 -23.55 -15.83
C VAL A 76 -16.82 -24.72 -15.77
N SER A 77 -16.50 -25.31 -16.92
CA SER A 77 -15.53 -26.39 -16.93
C SER A 77 -14.16 -25.91 -16.46
N HIS A 78 -13.80 -24.67 -16.78
CA HIS A 78 -12.57 -24.07 -16.28
C HIS A 78 -12.53 -24.10 -14.75
N CYS A 79 -13.62 -23.69 -14.11
CA CYS A 79 -13.70 -23.69 -12.64
C CYS A 79 -13.45 -25.06 -12.01
N THR A 80 -13.86 -26.13 -12.69
CA THR A 80 -13.67 -27.49 -12.18
C THR A 80 -12.22 -27.96 -12.27
N GLN A 81 -11.40 -27.20 -13.00
CA GLN A 81 -10.02 -27.58 -13.31
C GLN A 81 -8.95 -26.63 -12.75
N SER A 82 -9.36 -25.45 -12.28
CA SER A 82 -8.40 -24.41 -11.96
C SER A 82 -8.83 -23.48 -10.84
N VAL A 83 -7.82 -22.89 -10.18
CA VAL A 83 -8.05 -21.86 -9.17
C VAL A 83 -7.78 -20.47 -9.75
N LEU A 84 -7.39 -20.41 -11.02
CA LEU A 84 -7.02 -19.13 -11.64
C LEU A 84 -8.18 -18.52 -12.45
N PRO A 85 -8.28 -17.19 -12.50
CA PRO A 85 -9.39 -16.59 -13.23
C PRO A 85 -9.36 -16.90 -14.72
N ILE A 86 -10.54 -16.94 -15.31
CA ILE A 86 -10.68 -17.02 -16.77
C ILE A 86 -11.37 -15.74 -17.25
N PHE A 87 -10.71 -15.02 -18.15
CA PHE A 87 -11.30 -13.81 -18.71
C PHE A 87 -12.27 -14.16 -19.83
N TRP A 88 -13.33 -13.37 -19.97
CA TRP A 88 -14.39 -13.67 -20.92
C TRP A 88 -13.97 -13.30 -22.33
N GLU A 89 -13.75 -14.30 -23.16
CA GLU A 89 -13.30 -14.05 -24.52
C GLU A 89 -13.84 -15.12 -25.45
N PRO A 90 -14.63 -14.71 -26.47
CA PRO A 90 -14.85 -15.64 -27.58
C PRO A 90 -13.46 -15.98 -28.10
N SER A 91 -13.06 -17.22 -27.84
CA SER A 91 -11.67 -17.68 -27.81
C SER A 91 -11.71 -18.84 -26.84
N ILE A 92 -12.31 -18.60 -25.68
CA ILE A 92 -12.78 -19.68 -24.80
C ILE A 92 -14.07 -20.26 -25.39
N TYR A 93 -14.66 -19.52 -26.32
CA TYR A 93 -15.70 -20.01 -27.22
C TYR A 93 -15.09 -20.88 -28.32
N GLN A 94 -15.78 -21.96 -28.67
CA GLN A 94 -15.38 -22.80 -29.80
C GLN A 94 -16.57 -23.35 -30.59
N THR A 95 -17.48 -24.04 -29.89
CA THR A 95 -18.62 -24.70 -30.51
C THR A 95 -19.72 -23.72 -30.94
N ARG A 96 -20.68 -24.23 -31.70
CA ARG A 96 -21.84 -23.44 -32.15
C ARG A 96 -22.66 -22.97 -30.95
N LYS A 97 -22.85 -23.85 -29.98
CA LYS A 97 -23.58 -23.48 -28.77
C LYS A 97 -22.83 -22.44 -27.93
N GLN A 98 -21.49 -22.53 -27.93
CA GLN A 98 -20.66 -21.52 -27.26
C GLN A 98 -20.73 -20.16 -27.95
N HIS A 99 -20.78 -20.19 -29.28
CA HIS A 99 -21.04 -18.99 -30.08
C HIS A 99 -22.39 -18.38 -29.69
N GLU A 100 -23.42 -19.22 -29.63
CA GLU A 100 -24.76 -18.81 -29.19
C GLU A 100 -24.72 -18.18 -27.79
N PHE A 101 -23.99 -18.84 -26.89
CA PHE A 101 -23.87 -18.38 -25.51
C PHE A 101 -23.25 -16.98 -25.44
N PHE A 102 -22.13 -16.79 -26.13
CA PHE A 102 -21.49 -15.47 -26.13
C PHE A 102 -22.34 -14.39 -26.77
N GLU A 103 -23.03 -14.74 -27.85
CA GLU A 103 -23.91 -13.79 -28.51
C GLU A 103 -25.06 -13.35 -27.60
N GLU A 104 -25.66 -14.30 -26.91
CA GLU A 104 -26.75 -14.01 -26.00
C GLU A 104 -26.30 -13.27 -24.72
N ALA A 105 -25.13 -13.64 -24.18
CA ALA A 105 -24.56 -12.89 -23.06
C ALA A 105 -24.33 -11.43 -23.45
N SER A 106 -23.77 -11.22 -24.64
CA SER A 106 -23.52 -9.88 -25.19
C SER A 106 -24.82 -9.08 -25.31
N ALA A 107 -25.85 -9.71 -25.86
CA ALA A 107 -27.18 -9.11 -26.01
C ALA A 107 -27.77 -8.73 -24.63
N ALA A 108 -27.49 -9.54 -23.62
CA ALA A 108 -27.92 -9.23 -22.25
C ALA A 108 -27.06 -8.13 -21.61
N GLY A 109 -25.98 -7.72 -22.28
CA GLY A 109 -25.14 -6.64 -21.80
C GLY A 109 -23.92 -7.09 -21.02
N LEU A 110 -23.69 -8.40 -21.00
CA LEU A 110 -22.55 -8.98 -20.30
C LEU A 110 -21.50 -9.41 -21.32
N VAL A 111 -20.60 -8.48 -21.64
CA VAL A 111 -19.66 -8.65 -22.75
C VAL A 111 -18.24 -8.92 -22.25
N TYR A 112 -17.72 -7.99 -21.45
CA TYR A 112 -16.40 -8.12 -20.87
C TYR A 112 -16.48 -8.46 -19.38
N GLY A 113 -15.55 -9.26 -18.93
CA GLY A 113 -15.50 -9.66 -17.51
C GLY A 113 -14.57 -10.81 -17.26
N LEU A 114 -14.70 -11.43 -16.09
CA LEU A 114 -13.87 -12.56 -15.76
C LEU A 114 -14.63 -13.39 -14.75
N THR A 115 -14.25 -14.65 -14.65
CA THR A 115 -14.84 -15.60 -13.71
C THR A 115 -13.70 -16.11 -12.83
N MET A 116 -13.83 -15.92 -11.52
CA MET A 116 -12.81 -16.36 -10.56
C MET A 116 -13.30 -17.64 -9.90
N PRO A 117 -12.63 -18.79 -10.17
CA PRO A 117 -13.09 -20.02 -9.55
C PRO A 117 -13.01 -19.93 -8.04
N LEU A 118 -13.91 -20.64 -7.36
CA LEU A 118 -13.88 -20.75 -5.91
C LEU A 118 -13.77 -22.21 -5.51
N HIS A 119 -12.77 -22.49 -4.67
CA HIS A 119 -12.57 -23.84 -4.15
C HIS A 119 -12.38 -23.72 -2.65
N GLY A 120 -13.43 -24.10 -1.91
CA GLY A 120 -13.45 -23.92 -0.45
C GLY A 120 -12.68 -24.97 0.32
N ALA A 121 -12.42 -24.67 1.59
CA ALA A 121 -11.66 -25.57 2.47
C ALA A 121 -12.42 -26.88 2.73
N ARG A 122 -13.73 -26.84 2.55
CA ARG A 122 -14.56 -28.03 2.78
C ARG A 122 -15.13 -28.60 1.47
N GLY A 123 -14.48 -28.26 0.36
CA GLY A 123 -14.82 -28.85 -0.93
C GLY A 123 -15.90 -28.11 -1.68
N GLU A 124 -16.32 -26.96 -1.16
CA GLU A 124 -17.29 -26.08 -1.83
C GLU A 124 -16.72 -25.72 -3.20
N LEU A 125 -17.57 -25.66 -4.20
CA LEU A 125 -17.13 -25.36 -5.56
C LEU A 125 -17.97 -24.25 -6.15
N GLY A 126 -17.33 -23.25 -6.75
CA GLY A 126 -18.16 -22.20 -7.32
C GLY A 126 -17.35 -21.19 -8.07
N ALA A 127 -17.93 -20.00 -8.22
CA ALA A 127 -17.28 -18.89 -8.89
C ALA A 127 -17.83 -17.54 -8.47
N LEU A 128 -16.95 -16.54 -8.54
CA LEU A 128 -17.41 -15.16 -8.52
C LEU A 128 -17.15 -14.61 -9.93
N SER A 129 -18.24 -14.29 -10.62
CA SER A 129 -18.15 -13.76 -11.98
C SER A 129 -18.47 -12.27 -11.93
N LEU A 130 -17.73 -11.48 -12.69
CA LEU A 130 -17.87 -10.04 -12.65
C LEU A 130 -17.80 -9.49 -14.07
N SER A 131 -18.71 -8.60 -14.40
CA SER A 131 -18.73 -7.94 -15.71
C SER A 131 -18.34 -6.49 -15.55
N VAL A 132 -17.59 -5.99 -16.54
CA VAL A 132 -17.13 -4.59 -16.54
C VAL A 132 -17.65 -3.91 -17.81
N GLU A 133 -18.25 -2.74 -17.64
CA GLU A 133 -18.70 -1.92 -18.77
C GLU A 133 -17.50 -1.16 -19.32
N ALA A 134 -17.29 -1.23 -20.64
CA ALA A 134 -16.15 -0.57 -21.26
C ALA A 134 -16.43 -0.25 -22.73
N GLU A 135 -15.64 0.66 -23.29
CA GLU A 135 -15.75 1.06 -24.69
C GLU A 135 -15.31 -0.05 -25.64
N ASN A 136 -14.33 -0.84 -25.19
CA ASN A 136 -13.78 -1.93 -25.97
C ASN A 136 -13.03 -2.91 -25.06
N ARG A 137 -12.60 -4.04 -25.61
CA ARG A 137 -11.93 -5.09 -24.84
C ARG A 137 -10.60 -4.61 -24.25
N ALA A 138 -9.83 -3.84 -25.02
CA ALA A 138 -8.56 -3.31 -24.51
C ALA A 138 -8.76 -2.47 -23.24
N GLU A 139 -9.79 -1.64 -23.24
CA GLU A 139 -10.11 -0.80 -22.10
C GLU A 139 -10.60 -1.67 -20.95
N ALA A 140 -11.44 -2.64 -21.26
CA ALA A 140 -11.95 -3.58 -20.24
C ALA A 140 -10.78 -4.25 -19.54
N ASN A 141 -9.83 -4.72 -20.33
CA ASN A 141 -8.64 -5.39 -19.79
C ASN A 141 -7.82 -4.49 -18.88
N ARG A 142 -7.66 -3.22 -19.27
CA ARG A 142 -6.98 -2.26 -18.41
C ARG A 142 -7.73 -2.05 -17.09
N PHE A 143 -9.05 -1.91 -17.16
CA PHE A 143 -9.86 -1.75 -15.95
C PHE A 143 -9.70 -2.96 -15.04
N MET A 144 -9.71 -4.15 -15.62
CA MET A 144 -9.64 -5.39 -14.83
C MET A 144 -8.24 -5.59 -14.23
N GLU A 145 -7.19 -5.42 -15.04
CA GLU A 145 -5.81 -5.58 -14.55
C GLU A 145 -5.52 -4.64 -13.37
N SER A 146 -6.10 -3.44 -13.43
CA SER A 146 -5.88 -2.39 -12.42
C SER A 146 -6.37 -2.74 -11.02
N VAL A 147 -7.31 -3.68 -10.94
CA VAL A 147 -7.89 -4.06 -9.63
C VAL A 147 -7.69 -5.54 -9.31
N LEU A 148 -6.96 -6.25 -10.16
CA LEU A 148 -6.82 -7.71 -10.02
C LEU A 148 -6.31 -8.17 -8.65
N PRO A 149 -5.28 -7.51 -8.08
CA PRO A 149 -4.82 -7.94 -6.74
C PRO A 149 -5.90 -7.80 -5.66
N THR A 150 -6.67 -6.71 -5.70
CA THR A 150 -7.73 -6.49 -4.72
C THR A 150 -8.87 -7.49 -4.94
N LEU A 151 -9.21 -7.73 -6.20
CA LEU A 151 -10.24 -8.72 -6.51
C LEU A 151 -9.84 -10.13 -6.06
N TRP A 152 -8.55 -10.42 -6.13
CA TRP A 152 -8.03 -11.74 -5.74
C TRP A 152 -8.27 -11.98 -4.26
N MET A 153 -8.08 -10.93 -3.45
CA MET A 153 -8.34 -11.01 -2.01
C MET A 153 -9.86 -11.12 -1.79
N LEU A 154 -10.60 -10.24 -2.47
CA LEU A 154 -12.06 -10.20 -2.36
C LEU A 154 -12.69 -11.56 -2.62
N LYS A 155 -12.25 -12.26 -3.66
CA LYS A 155 -12.88 -13.54 -4.00
C LYS A 155 -12.71 -14.59 -2.90
N ASP A 156 -11.57 -14.57 -2.22
CA ASP A 156 -11.35 -15.49 -1.11
C ASP A 156 -12.12 -15.08 0.15
N TYR A 157 -12.16 -13.77 0.43
CA TYR A 157 -13.02 -13.29 1.54
C TYR A 157 -14.49 -13.62 1.29
N ALA A 158 -14.93 -13.46 0.04
CA ALA A 158 -16.31 -13.79 -0.33
C ALA A 158 -16.56 -15.28 -0.18
N LEU A 159 -15.59 -16.10 -0.60
CA LEU A 159 -15.72 -17.55 -0.46
C LEU A 159 -15.83 -17.95 1.02
N GLN A 160 -14.93 -17.42 1.85
CA GLN A 160 -14.87 -17.86 3.25
C GLN A 160 -16.15 -17.48 4.01
N SER A 161 -16.60 -16.23 3.84
CA SER A 161 -17.80 -15.74 4.51
C SER A 161 -19.08 -16.29 3.87
N GLY A 162 -19.07 -16.37 2.54
CA GLY A 162 -20.21 -16.85 1.77
C GLY A 162 -20.52 -18.30 2.00
N ALA A 163 -19.49 -19.13 2.15
CA ALA A 163 -19.70 -20.55 2.45
C ALA A 163 -20.42 -20.70 3.77
N GLY A 164 -20.03 -19.86 4.73
CA GLY A 164 -20.69 -19.85 6.05
C GLY A 164 -22.16 -19.49 5.96
N LEU A 165 -22.43 -18.38 5.26
CA LEU A 165 -23.78 -17.90 5.08
C LEU A 165 -24.67 -18.90 4.33
N ALA A 166 -24.09 -19.51 3.30
CA ALA A 166 -24.82 -20.41 2.42
C ALA A 166 -25.15 -21.73 3.09
N PHE A 167 -24.19 -22.30 3.79
CA PHE A 167 -24.29 -23.71 4.18
C PHE A 167 -24.27 -23.97 5.67
N GLU A 168 -23.91 -22.95 6.46
CA GLU A 168 -23.66 -23.21 7.88
C GLU A 168 -24.48 -22.42 8.89
N HIS A 169 -24.49 -21.09 8.76
CA HIS A 169 -25.11 -20.24 9.78
C HIS A 169 -26.64 -20.34 9.78
N PRO A 170 -27.25 -20.48 10.98
CA PRO A 170 -28.72 -20.49 11.09
C PRO A 170 -29.32 -19.14 10.67
N GLY B 6 3.91 -11.99 -15.19
CA GLY B 6 5.04 -12.29 -14.28
C GLY B 6 4.81 -13.59 -13.49
N PHE B 7 3.59 -13.76 -12.99
CA PHE B 7 3.23 -14.96 -12.24
C PHE B 7 3.24 -16.23 -13.10
N LEU B 8 3.04 -16.07 -14.41
CA LEU B 8 2.98 -17.22 -15.32
C LEU B 8 4.33 -17.90 -15.55
N GLU B 9 5.41 -17.26 -15.09
CA GLU B 9 6.75 -17.86 -15.11
C GLU B 9 6.78 -19.18 -14.34
N LEU B 10 5.95 -19.29 -13.31
CA LEU B 10 5.86 -20.54 -12.55
C LEU B 10 5.37 -21.70 -13.40
N GLU B 11 4.26 -21.52 -14.11
CA GLU B 11 3.71 -22.61 -14.92
C GLU B 11 4.56 -22.86 -16.16
N ARG B 12 5.25 -21.82 -16.62
CA ARG B 12 6.15 -21.91 -17.77
C ARG B 12 7.53 -22.47 -17.44
N SER B 13 7.73 -22.89 -16.18
CA SER B 13 8.99 -23.46 -15.75
C SER B 13 9.18 -24.87 -16.33
N SER B 14 10.44 -25.27 -16.50
CA SER B 14 10.80 -26.54 -17.15
C SER B 14 10.47 -27.76 -16.31
N GLY B 15 10.50 -27.61 -14.99
CA GLY B 15 10.27 -28.72 -14.08
C GLY B 15 10.45 -28.32 -12.64
N LYS B 16 10.58 -29.34 -11.78
CA LYS B 16 10.64 -29.14 -10.33
C LYS B 16 11.76 -28.18 -9.90
N LEU B 17 12.94 -28.37 -10.49
CA LEU B 17 14.11 -27.58 -10.12
C LEU B 17 13.93 -26.10 -10.45
N GLU B 18 13.52 -25.79 -11.67
CA GLU B 18 13.30 -24.40 -12.06
C GLU B 18 12.09 -23.79 -11.35
N TRP B 19 11.04 -24.59 -11.15
CA TRP B 19 9.83 -24.12 -10.46
C TRP B 19 10.17 -23.69 -9.03
N SER B 20 10.91 -24.53 -8.31
CA SER B 20 11.34 -24.23 -6.95
C SER B 20 12.22 -22.99 -6.88
N ALA B 21 13.16 -22.85 -7.83
CA ALA B 21 14.04 -21.68 -7.89
C ALA B 21 13.26 -20.41 -8.17
N ILE B 22 12.31 -20.46 -9.10
CA ILE B 22 11.49 -19.30 -9.44
C ILE B 22 10.63 -18.93 -8.24
N LEU B 23 10.00 -19.91 -7.61
CA LEU B 23 9.14 -19.65 -6.46
C LEU B 23 9.95 -18.99 -5.33
N GLN B 24 11.11 -19.56 -5.02
CA GLN B 24 11.99 -19.01 -3.98
C GLN B 24 12.51 -17.62 -4.34
N LYS B 25 12.79 -17.40 -5.63
CA LYS B 25 13.25 -16.11 -6.13
C LYS B 25 12.17 -15.03 -6.07
N MET B 26 10.94 -15.40 -6.42
CA MET B 26 9.79 -14.49 -6.31
C MET B 26 9.60 -14.06 -4.87
N ALA B 27 9.62 -15.04 -3.96
CA ALA B 27 9.45 -14.78 -2.54
C ALA B 27 10.56 -13.87 -2.01
N SER B 28 11.80 -14.19 -2.38
CA SER B 28 12.96 -13.39 -2.01
C SER B 28 12.88 -11.95 -2.52
N ASP B 29 12.44 -11.79 -3.77
CA ASP B 29 12.25 -10.47 -4.37
C ASP B 29 11.15 -9.69 -3.67
N LEU B 30 10.16 -10.41 -3.17
CA LEU B 30 9.08 -9.81 -2.41
C LEU B 30 9.53 -9.47 -0.99
N GLY B 31 10.60 -10.13 -0.54
CA GLY B 31 11.23 -9.82 0.74
C GLY B 31 11.19 -10.93 1.77
N PHE B 32 10.85 -12.14 1.34
CA PHE B 32 10.78 -13.30 2.23
C PHE B 32 11.94 -14.24 1.93
N SER B 33 12.87 -14.37 2.86
CA SER B 33 14.06 -15.21 2.65
C SER B 33 13.80 -16.70 2.86
N LYS B 34 12.71 -17.02 3.56
CA LYS B 34 12.35 -18.41 3.84
C LYS B 34 10.94 -18.72 3.36
N ILE B 35 10.80 -19.76 2.54
CA ILE B 35 9.48 -20.23 2.12
C ILE B 35 9.35 -21.74 2.13
N LEU B 36 8.13 -22.22 2.33
CA LEU B 36 7.84 -23.62 2.21
C LEU B 36 6.49 -23.80 1.52
N PHE B 37 6.50 -24.55 0.43
CA PHE B 37 5.30 -24.94 -0.29
C PHE B 37 5.05 -26.42 -0.01
N GLY B 38 3.90 -26.73 0.59
CA GLY B 38 3.52 -28.11 0.88
C GLY B 38 2.19 -28.43 0.26
N LEU B 39 2.09 -29.57 -0.41
CA LEU B 39 0.86 -29.98 -1.08
C LEU B 39 0.62 -31.48 -0.96
N LEU B 40 -0.59 -31.84 -0.55
CA LEU B 40 -1.02 -33.23 -0.44
C LEU B 40 -2.09 -33.51 -1.50
N PRO B 41 -2.11 -34.74 -2.03
CA PRO B 41 -3.18 -35.15 -2.94
C PRO B 41 -4.51 -35.27 -2.20
N LYS B 42 -5.61 -35.22 -2.93
CA LYS B 42 -6.97 -35.30 -2.36
C LYS B 42 -7.11 -36.48 -1.41
N ASP B 43 -7.68 -36.21 -0.23
CA ASP B 43 -8.00 -37.23 0.79
C ASP B 43 -6.77 -38.05 1.22
N SER B 44 -5.72 -37.36 1.65
CA SER B 44 -4.49 -38.02 2.08
C SER B 44 -4.60 -38.60 3.48
N GLN B 45 -4.06 -39.80 3.65
CA GLN B 45 -4.06 -40.50 4.93
C GLN B 45 -2.83 -40.10 5.76
N ASP B 46 -1.76 -39.74 5.06
CA ASP B 46 -0.51 -39.31 5.69
C ASP B 46 0.26 -38.39 4.74
N TYR B 47 1.59 -38.36 4.87
CA TYR B 47 2.44 -37.46 4.08
C TYR B 47 3.35 -38.21 3.11
N GLU B 48 3.01 -39.47 2.83
CA GLU B 48 3.81 -40.34 1.95
C GLU B 48 3.89 -39.85 0.51
N ASN B 49 2.83 -39.18 0.05
CA ASN B 49 2.77 -38.65 -1.31
C ASN B 49 2.86 -37.12 -1.38
N ALA B 50 3.24 -36.50 -0.26
CA ALA B 50 3.35 -35.05 -0.17
C ALA B 50 4.44 -34.47 -1.07
N PHE B 51 4.13 -33.32 -1.65
CA PHE B 51 5.06 -32.53 -2.44
C PHE B 51 5.46 -31.33 -1.61
N ILE B 52 6.71 -31.32 -1.15
CA ILE B 52 7.19 -30.26 -0.27
C ILE B 52 8.48 -29.67 -0.82
N VAL B 53 8.45 -28.36 -1.03
CA VAL B 53 9.54 -27.62 -1.68
C VAL B 53 9.76 -26.29 -0.97
N GLY B 54 11.03 -25.90 -0.84
CA GLY B 54 11.34 -24.58 -0.34
C GLY B 54 12.76 -24.49 0.18
N ASN B 55 13.03 -23.46 0.95
CA ASN B 55 14.36 -23.22 1.49
C ASN B 55 14.37 -23.02 3.01
N TYR B 56 13.40 -23.62 3.70
CA TYR B 56 13.46 -23.74 5.14
C TYR B 56 14.72 -24.53 5.49
N PRO B 57 15.40 -24.17 6.59
CA PRO B 57 16.62 -24.92 6.96
C PRO B 57 16.34 -26.40 7.15
N ALA B 58 17.29 -27.23 6.69
CA ALA B 58 17.21 -28.67 6.85
C ALA B 58 16.97 -29.09 8.29
N ALA B 59 17.69 -28.47 9.24
CA ALA B 59 17.58 -28.84 10.65
C ALA B 59 16.14 -28.67 11.17
N TRP B 60 15.50 -27.58 10.75
CA TRP B 60 14.12 -27.30 11.16
C TRP B 60 13.12 -28.25 10.49
N ARG B 61 13.31 -28.53 9.20
CA ARG B 61 12.51 -29.52 8.49
C ARG B 61 12.53 -30.87 9.20
N GLU B 62 13.73 -31.29 9.60
CA GLU B 62 13.92 -32.58 10.27
C GLU B 62 13.24 -32.59 11.64
N HIS B 63 13.42 -31.51 12.40
CA HIS B 63 12.86 -31.41 13.75
C HIS B 63 11.33 -31.42 13.75
N TYR B 64 10.74 -30.67 12.84
CA TYR B 64 9.29 -30.59 12.68
C TYR B 64 8.71 -32.00 12.43
N ASP B 65 9.32 -32.71 11.48
CA ASP B 65 8.95 -34.09 11.18
C ASP B 65 9.08 -35.01 12.40
N ARG B 66 10.24 -34.98 13.05
CA ARG B 66 10.50 -35.85 14.19
C ARG B 66 9.64 -35.53 15.42
N ALA B 67 9.34 -34.25 15.62
CA ALA B 67 8.46 -33.83 16.72
C ALA B 67 6.98 -34.08 16.43
N GLY B 68 6.66 -34.37 15.16
CA GLY B 68 5.27 -34.54 14.73
C GLY B 68 4.50 -33.24 14.85
N TYR B 69 5.16 -32.13 14.50
CA TYR B 69 4.56 -30.81 14.68
C TYR B 69 3.37 -30.50 13.78
N ALA B 70 3.15 -31.32 12.75
CA ALA B 70 1.96 -31.16 11.90
C ALA B 70 0.67 -31.36 12.71
N ARG B 71 0.81 -31.98 13.89
CA ARG B 71 -0.34 -32.19 14.80
C ARG B 71 -0.48 -31.08 15.85
N VAL B 72 0.49 -30.17 15.88
CA VAL B 72 0.55 -29.11 16.91
C VAL B 72 0.47 -27.73 16.25
N ASP B 73 1.23 -27.56 15.17
CA ASP B 73 1.26 -26.34 14.36
C ASP B 73 -0.16 -25.79 14.13
N PRO B 74 -0.48 -24.61 14.71
CA PRO B 74 -1.85 -24.10 14.58
C PRO B 74 -2.22 -23.69 13.15
N THR B 75 -1.23 -23.50 12.28
CA THR B 75 -1.54 -23.10 10.90
C THR B 75 -2.11 -24.27 10.09
N VAL B 76 -1.73 -25.49 10.48
CA VAL B 76 -2.20 -26.69 9.81
C VAL B 76 -3.72 -26.85 9.97
N SER B 77 -4.21 -26.84 11.21
CA SER B 77 -5.67 -26.94 11.43
C SER B 77 -6.39 -25.79 10.75
N HIS B 78 -5.81 -24.59 10.81
CA HIS B 78 -6.37 -23.44 10.09
C HIS B 78 -6.59 -23.74 8.60
N CYS B 79 -5.57 -24.30 7.97
CA CYS B 79 -5.64 -24.61 6.52
C CYS B 79 -6.79 -25.56 6.18
N THR B 80 -7.15 -26.44 7.10
CA THR B 80 -8.25 -27.37 6.87
C THR B 80 -9.62 -26.71 6.99
N GLN B 81 -9.65 -25.48 7.51
CA GLN B 81 -10.88 -24.79 7.82
C GLN B 81 -11.12 -23.52 6.99
N SER B 82 -10.08 -23.03 6.32
CA SER B 82 -10.17 -21.71 5.72
C SER B 82 -9.32 -21.58 4.46
N VAL B 83 -9.70 -20.61 3.62
CA VAL B 83 -8.92 -20.15 2.48
C VAL B 83 -8.14 -18.87 2.77
N LEU B 84 -8.33 -18.30 3.96
CA LEU B 84 -7.70 -17.01 4.30
C LEU B 84 -6.34 -17.20 4.96
N PRO B 85 -5.42 -16.23 4.80
CA PRO B 85 -4.11 -16.40 5.43
C PRO B 85 -4.19 -16.35 6.95
N ILE B 86 -3.27 -17.06 7.59
CA ILE B 86 -3.09 -16.98 9.04
C ILE B 86 -1.71 -16.41 9.31
N PHE B 87 -1.67 -15.25 9.95
CA PHE B 87 -0.41 -14.59 10.30
C PHE B 87 0.16 -15.17 11.57
N TRP B 88 1.48 -15.25 11.65
CA TRP B 88 2.15 -15.84 12.80
C TRP B 88 2.19 -14.84 13.93
N GLU B 89 1.18 -14.90 14.78
CA GLU B 89 1.01 -13.95 15.88
C GLU B 89 0.84 -14.71 17.18
N PRO B 90 1.23 -14.11 18.32
CA PRO B 90 1.06 -14.74 19.62
C PRO B 90 -0.31 -15.39 19.82
N SER B 91 -1.38 -14.73 19.39
CA SER B 91 -2.74 -15.22 19.62
C SER B 91 -3.04 -16.60 19.02
N ILE B 92 -2.32 -16.97 17.95
CA ILE B 92 -2.56 -18.27 17.30
C ILE B 92 -1.97 -19.45 18.07
N TYR B 93 -1.04 -19.17 18.98
CA TYR B 93 -0.46 -20.20 19.85
C TYR B 93 -1.17 -20.17 21.18
N GLN B 94 -2.08 -21.11 21.39
CA GLN B 94 -3.00 -21.08 22.53
C GLN B 94 -2.52 -21.94 23.70
N THR B 95 -2.06 -23.15 23.41
CA THR B 95 -1.56 -24.08 24.44
C THR B 95 -0.03 -24.00 24.58
N ARG B 96 0.50 -24.52 25.68
CA ARG B 96 1.95 -24.53 25.91
C ARG B 96 2.69 -25.31 24.82
N LYS B 97 2.10 -26.41 24.36
CA LYS B 97 2.65 -27.20 23.27
C LYS B 97 2.76 -26.36 22.00
N GLN B 98 1.75 -25.53 21.75
CA GLN B 98 1.80 -24.61 20.62
C GLN B 98 2.80 -23.48 20.85
N HIS B 99 2.94 -23.05 22.11
N HIS B 99 2.96 -23.05 22.10
CA HIS B 99 3.93 -22.04 22.48
CA HIS B 99 3.95 -22.04 22.44
C HIS B 99 5.35 -22.58 22.31
C HIS B 99 5.36 -22.59 22.30
N GLU B 100 5.55 -23.86 22.65
CA GLU B 100 6.84 -24.54 22.48
C GLU B 100 7.21 -24.63 21.00
N PHE B 101 6.21 -24.97 20.16
CA PHE B 101 6.38 -24.92 18.71
C PHE B 101 6.86 -23.55 18.26
N PHE B 102 6.18 -22.49 18.70
CA PHE B 102 6.61 -21.11 18.41
C PHE B 102 8.07 -20.87 18.79
N GLU B 103 8.45 -21.30 20.00
CA GLU B 103 9.81 -21.07 20.50
C GLU B 103 10.86 -21.82 19.69
N GLU B 104 10.53 -23.04 19.28
CA GLU B 104 11.44 -23.87 18.49
C GLU B 104 11.56 -23.32 17.06
N ALA B 105 10.45 -22.92 16.46
CA ALA B 105 10.48 -22.24 15.18
C ALA B 105 11.32 -20.96 15.24
N SER B 106 11.12 -20.17 16.31
CA SER B 106 11.89 -18.95 16.54
C SER B 106 13.39 -19.22 16.68
N ALA B 107 13.73 -20.20 17.49
CA ALA B 107 15.13 -20.61 17.68
C ALA B 107 15.77 -21.03 16.36
N ALA B 108 14.96 -21.59 15.46
CA ALA B 108 15.40 -21.98 14.13
C ALA B 108 15.55 -20.80 13.18
N GLY B 109 15.02 -19.64 13.58
CA GLY B 109 15.13 -18.41 12.80
C GLY B 109 13.82 -17.95 12.18
N LEU B 110 12.76 -18.71 12.41
CA LEU B 110 11.47 -18.43 11.78
C LEU B 110 10.50 -17.90 12.81
N VAL B 111 10.43 -16.57 12.89
CA VAL B 111 9.62 -15.89 13.92
C VAL B 111 8.44 -15.12 13.34
N TYR B 112 8.68 -14.36 12.26
CA TYR B 112 7.62 -13.58 11.63
C TYR B 112 7.26 -14.18 10.28
N GLY B 113 5.98 -14.15 9.96
CA GLY B 113 5.52 -14.70 8.70
C GLY B 113 4.03 -14.93 8.64
N LEU B 114 3.63 -15.70 7.63
CA LEU B 114 2.24 -16.09 7.42
C LEU B 114 2.16 -17.41 6.69
N THR B 115 0.98 -18.03 6.75
CA THR B 115 0.70 -19.28 6.06
C THR B 115 -0.57 -19.09 5.25
N MET B 116 -0.46 -19.36 3.95
CA MET B 116 -1.58 -19.24 3.04
C MET B 116 -2.12 -20.63 2.73
N PRO B 117 -3.37 -20.92 3.14
CA PRO B 117 -3.91 -22.24 2.80
C PRO B 117 -4.00 -22.43 1.31
N LEU B 118 -3.86 -23.68 0.87
CA LEU B 118 -4.03 -24.03 -0.55
C LEU B 118 -5.10 -25.11 -0.70
N HIS B 119 -6.10 -24.81 -1.52
CA HIS B 119 -7.18 -25.74 -1.82
C HIS B 119 -7.37 -25.83 -3.32
N GLY B 120 -6.93 -26.95 -3.90
CA GLY B 120 -6.87 -27.08 -5.36
C GLY B 120 -8.18 -27.53 -5.97
N ALA B 121 -8.28 -27.40 -7.29
CA ALA B 121 -9.50 -27.76 -8.02
C ALA B 121 -9.80 -29.25 -8.00
N ARG B 122 -8.77 -30.07 -7.76
CA ARG B 122 -8.94 -31.53 -7.71
C ARG B 122 -8.81 -32.07 -6.29
N GLY B 123 -9.05 -31.20 -5.30
CA GLY B 123 -9.04 -31.62 -3.90
C GLY B 123 -7.69 -31.60 -3.23
N GLU B 124 -6.67 -31.08 -3.93
CA GLU B 124 -5.34 -30.91 -3.33
C GLU B 124 -5.44 -30.03 -2.10
N LEU B 125 -4.66 -30.35 -1.08
CA LEU B 125 -4.65 -29.59 0.17
C LEU B 125 -3.22 -29.27 0.53
N GLY B 126 -2.95 -28.01 0.84
CA GLY B 126 -1.61 -27.61 1.21
C GLY B 126 -1.51 -26.26 1.87
N ALA B 127 -0.28 -25.75 1.92
CA ALA B 127 -0.02 -24.43 2.41
C ALA B 127 1.21 -23.87 1.73
N LEU B 128 1.19 -22.55 1.55
CA LEU B 128 2.38 -21.78 1.23
C LEU B 128 2.72 -20.88 2.42
N SER B 129 3.82 -21.22 3.09
CA SER B 129 4.28 -20.47 4.25
C SER B 129 5.50 -19.64 3.89
N LEU B 130 5.56 -18.42 4.41
CA LEU B 130 6.65 -17.50 4.13
C LEU B 130 7.07 -16.78 5.41
N SER B 131 8.37 -16.71 5.63
CA SER B 131 8.90 -16.03 6.81
C SER B 131 9.72 -14.83 6.38
N VAL B 132 9.56 -13.72 7.11
CA VAL B 132 10.34 -12.51 6.88
C VAL B 132 11.28 -12.26 8.06
N GLU B 133 12.54 -11.95 7.77
CA GLU B 133 13.51 -11.58 8.80
C GLU B 133 13.35 -10.10 9.16
N ALA B 134 12.78 -9.84 10.33
CA ALA B 134 12.51 -8.49 10.78
C ALA B 134 13.02 -8.25 12.21
N GLU B 135 13.24 -6.98 12.54
CA GLU B 135 13.73 -6.59 13.86
C GLU B 135 12.65 -6.77 14.93
N ASN B 136 11.41 -6.44 14.58
CA ASN B 136 10.27 -6.57 15.48
C ASN B 136 8.96 -6.82 14.75
N ARG B 137 7.89 -7.04 15.53
CA ARG B 137 6.56 -7.35 15.01
C ARG B 137 5.97 -6.20 14.19
N ALA B 138 6.27 -4.97 14.59
CA ALA B 138 5.78 -3.78 13.89
C ALA B 138 6.34 -3.67 12.49
N GLU B 139 7.65 -3.88 12.36
CA GLU B 139 8.31 -3.85 11.05
C GLU B 139 7.83 -5.01 10.19
N ALA B 140 7.61 -6.17 10.82
CA ALA B 140 7.11 -7.36 10.12
C ALA B 140 5.74 -7.11 9.52
N ASN B 141 4.83 -6.59 10.34
CA ASN B 141 3.46 -6.30 9.92
C ASN B 141 3.34 -5.26 8.81
N ARG B 142 4.13 -4.20 8.90
CA ARG B 142 4.15 -3.14 7.88
C ARG B 142 4.58 -3.71 6.53
N PHE B 143 5.67 -4.46 6.54
CA PHE B 143 6.19 -5.09 5.35
C PHE B 143 5.16 -6.02 4.71
N MET B 144 4.54 -6.87 5.53
CA MET B 144 3.60 -7.87 5.02
C MET B 144 2.34 -7.26 4.45
N GLU B 145 1.90 -6.14 5.03
CA GLU B 145 0.75 -5.41 4.51
C GLU B 145 1.04 -4.81 3.14
N SER B 146 2.29 -4.42 2.92
CA SER B 146 2.70 -3.80 1.65
C SER B 146 2.78 -4.80 0.50
N VAL B 147 2.97 -6.08 0.83
CA VAL B 147 3.13 -7.11 -0.19
C VAL B 147 1.97 -8.11 -0.26
N LEU B 148 1.04 -8.01 0.70
CA LEU B 148 -0.03 -9.00 0.84
C LEU B 148 -0.86 -9.28 -0.43
N PRO B 149 -1.29 -8.23 -1.15
CA PRO B 149 -2.08 -8.49 -2.36
C PRO B 149 -1.32 -9.27 -3.44
N THR B 150 -0.02 -8.98 -3.59
CA THR B 150 0.85 -9.72 -4.51
C THR B 150 0.99 -11.19 -4.06
N LEU B 151 1.18 -11.37 -2.76
CA LEU B 151 1.32 -12.70 -2.18
C LEU B 151 0.05 -13.50 -2.38
N TRP B 152 -1.09 -12.82 -2.28
CA TRP B 152 -2.39 -13.48 -2.41
C TRP B 152 -2.58 -14.07 -3.80
N MET B 153 -2.11 -13.35 -4.82
CA MET B 153 -2.12 -13.87 -6.19
C MET B 153 -1.08 -14.98 -6.32
N LEU B 154 0.10 -14.76 -5.74
CA LEU B 154 1.19 -15.72 -5.82
C LEU B 154 0.76 -17.11 -5.38
N LYS B 155 0.04 -17.19 -4.27
CA LYS B 155 -0.30 -18.49 -3.70
C LYS B 155 -1.18 -19.32 -4.63
N ASP B 156 -2.09 -18.67 -5.36
CA ASP B 156 -2.94 -19.40 -6.30
C ASP B 156 -2.18 -19.82 -7.56
N TYR B 157 -1.29 -18.96 -8.05
CA TYR B 157 -0.43 -19.35 -9.18
C TYR B 157 0.51 -20.51 -8.80
N ALA B 158 1.08 -20.43 -7.60
CA ALA B 158 1.91 -21.52 -7.07
C ALA B 158 1.13 -22.82 -6.95
N LEU B 159 -0.10 -22.72 -6.44
CA LEU B 159 -0.97 -23.89 -6.31
C LEU B 159 -1.27 -24.55 -7.66
N GLN B 160 -1.71 -23.75 -8.63
CA GLN B 160 -2.16 -24.28 -9.91
C GLN B 160 -1.00 -24.94 -10.66
N SER B 161 0.16 -24.28 -10.66
CA SER B 161 1.36 -24.83 -11.29
C SER B 161 2.00 -25.98 -10.52
N GLY B 162 2.08 -25.84 -9.20
CA GLY B 162 2.63 -26.90 -8.35
C GLY B 162 1.84 -28.20 -8.40
N ALA B 163 0.51 -28.08 -8.41
CA ALA B 163 -0.36 -29.25 -8.54
C ALA B 163 -0.12 -29.96 -9.87
N GLY B 164 0.00 -29.18 -10.94
CA GLY B 164 0.30 -29.72 -12.28
C GLY B 164 1.65 -30.42 -12.35
N LEU B 165 2.62 -29.84 -11.66
CA LEU B 165 3.97 -30.39 -11.59
C LEU B 165 4.03 -31.62 -10.67
N ALA B 166 3.36 -31.54 -9.52
CA ALA B 166 3.45 -32.55 -8.47
C ALA B 166 2.72 -33.85 -8.76
N PHE B 167 1.54 -33.75 -9.40
CA PHE B 167 0.65 -34.90 -9.52
C PHE B 167 0.30 -35.28 -10.96
N GLU B 168 0.95 -34.61 -11.91
CA GLU B 168 0.86 -34.95 -13.34
C GLU B 168 2.24 -34.91 -14.00
N LEU C 3 7.72 33.95 1.05
CA LEU C 3 6.76 33.00 1.69
C LEU C 3 6.64 33.21 3.20
N VAL C 4 7.73 33.67 3.81
CA VAL C 4 7.79 33.93 5.26
C VAL C 4 6.78 35.02 5.64
N ASP C 5 6.68 36.05 4.80
CA ASP C 5 5.69 37.12 4.99
C ASP C 5 4.27 36.59 4.80
N GLY C 6 4.10 35.67 3.84
CA GLY C 6 2.82 35.00 3.64
C GLY C 6 2.42 34.15 4.83
N PHE C 7 3.38 33.38 5.34
CA PHE C 7 3.20 32.57 6.54
C PHE C 7 2.81 33.45 7.72
N LEU C 8 3.47 34.60 7.83
CA LEU C 8 3.20 35.60 8.87
C LEU C 8 1.72 35.99 8.86
N GLU C 9 1.21 36.36 7.69
CA GLU C 9 -0.20 36.75 7.51
C GLU C 9 -1.17 35.65 7.91
N LEU C 10 -0.85 34.42 7.50
CA LEU C 10 -1.65 33.24 7.86
C LEU C 10 -1.78 33.08 9.38
N GLU C 11 -0.67 33.31 10.09
CA GLU C 11 -0.66 33.28 11.54
C GLU C 11 -1.41 34.47 12.14
N ARG C 12 -1.31 35.61 11.45
CA ARG C 12 -1.95 36.85 11.89
C ARG C 12 -3.45 36.89 11.61
N SER C 13 -3.92 36.06 10.68
CA SER C 13 -5.31 36.13 10.19
C SER C 13 -6.35 35.83 11.26
N SER C 14 -7.52 36.43 11.11
CA SER C 14 -8.59 36.35 12.12
C SER C 14 -9.21 34.96 12.27
N GLY C 15 -9.31 34.21 11.17
CA GLY C 15 -9.90 32.88 11.18
C GLY C 15 -9.73 32.17 9.85
N LYS C 16 -10.49 31.09 9.65
CA LYS C 16 -10.36 30.25 8.45
C LYS C 16 -10.76 30.96 7.14
N LEU C 17 -11.72 31.89 7.24
CA LEU C 17 -12.16 32.69 6.10
C LEU C 17 -10.99 33.48 5.52
N GLU C 18 -10.32 34.24 6.38
CA GLU C 18 -9.21 35.10 5.97
C GLU C 18 -7.97 34.28 5.62
N TRP C 19 -7.73 33.23 6.39
CA TRP C 19 -6.61 32.31 6.17
C TRP C 19 -6.68 31.75 4.75
N SER C 20 -7.84 31.21 4.39
CA SER C 20 -8.08 30.65 3.06
C SER C 20 -7.85 31.70 1.97
N ALA C 21 -8.35 32.91 2.18
CA ALA C 21 -8.16 34.01 1.20
C ALA C 21 -6.69 34.34 0.93
N ILE C 22 -5.86 34.34 1.97
CA ILE C 22 -4.43 34.60 1.83
C ILE C 22 -3.77 33.48 1.02
N LEU C 23 -4.03 32.24 1.40
CA LEU C 23 -3.47 31.07 0.71
C LEU C 23 -3.90 31.03 -0.77
N GLN C 24 -5.19 31.27 -1.01
CA GLN C 24 -5.70 31.35 -2.38
C GLN C 24 -4.97 32.42 -3.20
N LYS C 25 -4.74 33.57 -2.59
CA LYS C 25 -4.00 34.66 -3.25
C LYS C 25 -2.54 34.27 -3.55
N MET C 26 -1.88 33.65 -2.57
CA MET C 26 -0.50 33.21 -2.75
C MET C 26 -0.39 32.23 -3.91
N ALA C 27 -1.34 31.29 -3.97
CA ALA C 27 -1.39 30.30 -5.04
C ALA C 27 -1.69 30.96 -6.39
N SER C 28 -2.60 31.93 -6.38
CA SER C 28 -2.94 32.70 -7.57
C SER C 28 -1.76 33.52 -8.08
N ASP C 29 -1.04 34.16 -7.17
CA ASP C 29 0.15 34.96 -7.53
C ASP C 29 1.26 34.08 -8.13
N LEU C 30 1.36 32.84 -7.66
CA LEU C 30 2.34 31.89 -8.17
C LEU C 30 1.97 31.40 -9.57
N GLY C 31 0.70 31.55 -9.93
CA GLY C 31 0.21 31.22 -11.27
C GLY C 31 -0.78 30.07 -11.34
N PHE C 32 -1.18 29.57 -10.17
CA PHE C 32 -2.18 28.50 -10.11
C PHE C 32 -3.58 29.08 -10.19
N SER C 33 -4.53 28.26 -10.64
CA SER C 33 -5.91 28.70 -10.81
C SER C 33 -6.72 28.52 -9.53
N LYS C 34 -7.11 27.28 -9.24
CA LYS C 34 -7.90 26.98 -8.05
C LYS C 34 -7.13 26.04 -7.13
N ILE C 35 -7.41 26.10 -5.83
CA ILE C 35 -6.76 25.25 -4.84
C ILE C 35 -7.75 24.67 -3.84
N LEU C 36 -7.36 23.54 -3.24
CA LEU C 36 -8.09 22.97 -2.13
C LEU C 36 -7.08 22.48 -1.11
N PHE C 37 -7.23 22.97 0.12
CA PHE C 37 -6.39 22.59 1.24
C PHE C 37 -7.27 21.77 2.18
N GLY C 38 -6.89 20.52 2.41
CA GLY C 38 -7.67 19.62 3.24
C GLY C 38 -6.80 19.00 4.32
N LEU C 39 -7.31 18.97 5.54
CA LEU C 39 -6.56 18.42 6.65
C LEU C 39 -7.49 17.70 7.62
N LEU C 40 -7.10 16.49 8.00
CA LEU C 40 -7.81 15.67 8.98
C LEU C 40 -6.94 15.52 10.24
N PRO C 41 -7.58 15.41 11.42
CA PRO C 41 -6.79 15.11 12.62
C PRO C 41 -6.23 13.70 12.62
N LYS C 42 -5.22 13.47 13.45
CA LYS C 42 -4.53 12.17 13.55
C LYS C 42 -5.50 11.01 13.74
N ASP C 43 -5.34 9.99 12.89
CA ASP C 43 -6.15 8.75 12.93
C ASP C 43 -7.65 9.00 12.81
N SER C 44 -8.05 9.67 11.74
CA SER C 44 -9.46 10.01 11.53
C SER C 44 -10.26 8.84 10.97
N GLN C 45 -11.43 8.61 11.58
CA GLN C 45 -12.35 7.56 11.14
C GLN C 45 -13.20 8.04 9.97
N ASP C 46 -13.59 9.32 10.01
CA ASP C 46 -14.40 9.94 8.97
C ASP C 46 -13.92 11.36 8.66
N TYR C 47 -14.76 12.14 8.00
CA TYR C 47 -14.42 13.50 7.60
C TYR C 47 -15.16 14.57 8.44
N GLU C 48 -15.69 14.15 9.58
CA GLU C 48 -16.47 15.04 10.45
C GLU C 48 -15.64 16.22 10.99
N ASN C 49 -14.40 15.95 11.37
CA ASN C 49 -13.51 16.98 11.91
C ASN C 49 -12.52 17.53 10.89
N ALA C 50 -12.76 17.25 9.60
CA ALA C 50 -11.90 17.72 8.53
C ALA C 50 -11.95 19.23 8.37
N PHE C 51 -10.80 19.81 8.09
CA PHE C 51 -10.67 21.22 7.76
C PHE C 51 -10.39 21.29 6.26
N ILE C 52 -11.40 21.70 5.49
CA ILE C 52 -11.28 21.74 4.02
C ILE C 52 -11.65 23.13 3.55
N VAL C 53 -10.69 23.81 2.94
CA VAL C 53 -10.86 25.18 2.47
C VAL C 53 -10.22 25.39 1.09
N GLY C 54 -10.76 26.34 0.34
CA GLY C 54 -10.22 26.66 -0.98
C GLY C 54 -11.27 27.25 -1.89
N ASN C 55 -10.97 27.29 -3.17
CA ASN C 55 -11.87 27.88 -4.17
C ASN C 55 -12.24 26.95 -5.32
N TYR C 56 -12.22 25.64 -5.04
CA TYR C 56 -12.84 24.65 -5.92
C TYR C 56 -14.32 24.99 -6.03
N PRO C 57 -14.92 24.80 -7.23
CA PRO C 57 -16.34 25.11 -7.43
C PRO C 57 -17.24 24.34 -6.46
N ALA C 58 -18.30 24.98 -5.99
CA ALA C 58 -19.24 24.35 -5.04
C ALA C 58 -19.88 23.09 -5.60
N ALA C 59 -20.29 23.15 -6.87
CA ALA C 59 -20.92 22.01 -7.55
C ALA C 59 -20.03 20.77 -7.53
N TRP C 60 -18.73 20.98 -7.76
CA TRP C 60 -17.75 19.88 -7.77
C TRP C 60 -17.47 19.34 -6.36
N ARG C 61 -17.32 20.24 -5.40
CA ARG C 61 -17.21 19.85 -3.99
C ARG C 61 -18.38 18.95 -3.56
N GLU C 62 -19.60 19.36 -3.91
CA GLU C 62 -20.80 18.59 -3.57
C GLU C 62 -20.83 17.23 -4.24
N HIS C 63 -20.50 17.20 -5.53
CA HIS C 63 -20.54 15.97 -6.32
C HIS C 63 -19.48 14.96 -5.83
N TYR C 64 -18.27 15.45 -5.58
CA TYR C 64 -17.18 14.64 -5.04
C TYR C 64 -17.62 13.93 -3.77
N ASP C 65 -18.24 14.70 -2.87
CA ASP C 65 -18.77 14.18 -1.61
C ASP C 65 -19.87 13.15 -1.82
N ARG C 66 -20.89 13.50 -2.60
CA ARG C 66 -22.03 12.60 -2.84
C ARG C 66 -21.62 11.30 -3.55
N ALA C 67 -20.69 11.40 -4.50
CA ALA C 67 -20.22 10.25 -5.26
C ALA C 67 -19.23 9.37 -4.47
N GLY C 68 -18.77 9.86 -3.32
CA GLY C 68 -17.81 9.13 -2.49
C GLY C 68 -16.44 9.00 -3.13
N TYR C 69 -16.05 10.00 -3.91
CA TYR C 69 -14.80 9.95 -4.66
C TYR C 69 -13.53 9.92 -3.82
N ALA C 70 -13.62 10.30 -2.54
CA ALA C 70 -12.46 10.23 -1.64
C ALA C 70 -11.91 8.81 -1.51
N ARG C 71 -12.76 7.80 -1.75
CA ARG C 71 -12.36 6.40 -1.72
C ARG C 71 -11.81 5.90 -3.07
N VAL C 72 -11.94 6.75 -4.09
CA VAL C 72 -11.62 6.42 -5.47
C VAL C 72 -10.37 7.19 -5.95
N ASP C 73 -10.38 8.48 -5.65
CA ASP C 73 -9.36 9.46 -6.02
C ASP C 73 -7.94 8.91 -5.82
N PRO C 74 -7.16 8.77 -6.92
CA PRO C 74 -5.82 8.19 -6.79
C PRO C 74 -4.86 9.08 -5.99
N THR C 75 -5.14 10.38 -5.95
CA THR C 75 -4.28 11.31 -5.20
C THR C 75 -4.42 11.11 -3.68
N VAL C 76 -5.63 10.79 -3.24
CA VAL C 76 -5.92 10.54 -1.83
C VAL C 76 -5.16 9.30 -1.34
N SER C 77 -5.31 8.18 -2.07
CA SER C 77 -4.53 6.99 -1.75
C SER C 77 -3.03 7.29 -1.74
N HIS C 78 -2.56 8.06 -2.73
CA HIS C 78 -1.16 8.46 -2.77
C HIS C 78 -0.72 9.21 -1.50
N CYS C 79 -1.55 10.13 -1.04
CA CYS C 79 -1.25 10.92 0.17
C CYS C 79 -1.02 10.04 1.41
N THR C 80 -1.72 8.92 1.50
CA THR C 80 -1.60 8.02 2.66
C THR C 80 -0.28 7.24 2.65
N GLN C 81 0.41 7.26 1.51
CA GLN C 81 1.60 6.45 1.28
C GLN C 81 2.89 7.25 1.07
N SER C 82 2.76 8.56 0.81
CA SER C 82 3.91 9.35 0.35
C SER C 82 3.89 10.80 0.80
N VAL C 83 5.07 11.41 0.86
CA VAL C 83 5.22 12.87 1.06
C VAL C 83 5.52 13.62 -0.24
N LEU C 84 5.66 12.88 -1.34
CA LEU C 84 6.01 13.48 -2.62
C LEU C 84 4.77 13.91 -3.39
N PRO C 85 4.89 14.94 -4.23
CA PRO C 85 3.75 15.37 -5.06
C PRO C 85 3.33 14.32 -6.06
N ILE C 86 2.03 14.29 -6.36
CA ILE C 86 1.50 13.47 -7.44
C ILE C 86 0.87 14.40 -8.48
N PHE C 87 1.44 14.39 -9.68
CA PHE C 87 0.95 15.23 -10.77
C PHE C 87 -0.27 14.57 -11.42
N TRP C 88 -1.23 15.38 -11.86
CA TRP C 88 -2.46 14.84 -12.44
C TRP C 88 -2.25 14.36 -13.88
N GLU C 89 -1.41 13.34 -14.00
CA GLU C 89 -1.12 12.71 -15.28
C GLU C 89 -2.17 11.63 -15.56
N PRO C 90 -2.58 11.47 -16.83
CA PRO C 90 -3.58 10.47 -17.19
C PRO C 90 -3.27 9.07 -16.62
N SER C 91 -1.99 8.74 -16.52
CA SER C 91 -1.54 7.44 -16.02
C SER C 91 -1.89 7.14 -14.56
N ILE C 92 -2.27 8.15 -13.79
CA ILE C 92 -2.67 7.90 -12.39
C ILE C 92 -4.12 7.37 -12.28
N TYR C 93 -4.88 7.49 -13.37
CA TYR C 93 -6.27 7.03 -13.39
C TYR C 93 -6.37 5.67 -14.04
N GLN C 94 -6.44 4.62 -13.22
CA GLN C 94 -6.28 3.26 -13.73
C GLN C 94 -7.56 2.44 -13.67
N THR C 95 -8.24 2.47 -12.52
CA THR C 95 -9.47 1.70 -12.36
C THR C 95 -10.63 2.37 -13.10
N ARG C 96 -11.70 1.65 -13.38
CA ARG C 96 -12.86 2.27 -14.04
C ARG C 96 -13.42 3.46 -13.27
N LYS C 97 -13.49 3.34 -11.94
CA LYS C 97 -13.99 4.42 -11.09
C LYS C 97 -13.05 5.63 -11.14
N GLN C 98 -11.76 5.37 -11.19
CA GLN C 98 -10.74 6.42 -11.33
C GLN C 98 -10.82 7.14 -12.67
N HIS C 99 -11.15 6.40 -13.74
CA HIS C 99 -11.35 7.03 -15.04
CA HIS C 99 -11.35 7.01 -15.05
C HIS C 99 -12.62 7.87 -15.06
N GLU C 100 -13.65 7.37 -14.39
CA GLU C 100 -14.90 8.11 -14.20
C GLU C 100 -14.59 9.43 -13.47
N PHE C 101 -13.80 9.35 -12.41
CA PHE C 101 -13.39 10.51 -11.63
C PHE C 101 -12.64 11.55 -12.48
N PHE C 102 -11.73 11.07 -13.33
CA PHE C 102 -10.99 11.95 -14.25
C PHE C 102 -11.95 12.72 -15.14
N GLU C 103 -12.90 11.99 -15.73
CA GLU C 103 -13.89 12.58 -16.64
C GLU C 103 -14.74 13.64 -15.95
N GLU C 104 -15.21 13.33 -14.75
CA GLU C 104 -16.05 14.26 -13.98
C GLU C 104 -15.27 15.49 -13.54
N ALA C 105 -14.04 15.28 -13.08
CA ALA C 105 -13.19 16.40 -12.68
C ALA C 105 -12.90 17.31 -13.87
N SER C 106 -12.62 16.68 -15.02
CA SER C 106 -12.37 17.43 -16.25
C SER C 106 -13.59 18.24 -16.67
N ALA C 107 -14.78 17.63 -16.60
CA ALA C 107 -16.04 18.33 -16.88
C ALA C 107 -16.24 19.53 -15.95
N ALA C 108 -15.80 19.39 -14.69
CA ALA C 108 -15.85 20.46 -13.69
C ALA C 108 -14.79 21.55 -13.93
N GLY C 109 -13.91 21.32 -14.90
CA GLY C 109 -12.88 22.30 -15.28
C GLY C 109 -11.53 22.06 -14.64
N LEU C 110 -11.38 20.93 -13.96
CA LEU C 110 -10.12 20.60 -13.28
C LEU C 110 -9.44 19.42 -13.97
N VAL C 111 -8.41 19.73 -14.75
CA VAL C 111 -7.73 18.71 -15.55
C VAL C 111 -6.21 18.70 -15.32
N TYR C 112 -5.58 19.87 -15.34
CA TYR C 112 -4.14 19.97 -15.12
C TYR C 112 -3.85 20.45 -13.70
N GLY C 113 -2.89 19.82 -13.04
CA GLY C 113 -2.54 20.21 -11.70
C GLY C 113 -1.72 19.16 -10.96
N LEU C 114 -1.66 19.32 -9.64
CA LEU C 114 -0.90 18.40 -8.79
C LEU C 114 -1.48 18.40 -7.38
N THR C 115 -1.14 17.37 -6.62
CA THR C 115 -1.58 17.24 -5.23
C THR C 115 -0.34 17.02 -4.37
N MET C 116 -0.14 17.91 -3.41
CA MET C 116 0.98 17.81 -2.46
C MET C 116 0.48 17.20 -1.17
N PRO C 117 0.97 15.99 -0.80
CA PRO C 117 0.50 15.40 0.46
C PRO C 117 0.94 16.21 1.66
N LEU C 118 0.14 16.18 2.72
CA LEU C 118 0.47 16.89 3.95
C LEU C 118 0.52 15.92 5.11
N HIS C 119 1.66 15.91 5.80
CA HIS C 119 1.81 15.06 6.98
C HIS C 119 2.37 15.89 8.14
N GLY C 120 1.50 16.19 9.10
CA GLY C 120 1.81 17.12 10.19
C GLY C 120 2.61 16.51 11.31
N ALA C 121 3.22 17.36 12.13
CA ALA C 121 4.04 16.91 13.27
C ALA C 121 3.23 16.19 14.34
N ARG C 122 1.93 16.46 14.38
CA ARG C 122 1.05 15.80 15.34
C ARG C 122 0.14 14.77 14.66
N GLY C 123 0.58 14.27 13.51
CA GLY C 123 -0.14 13.21 12.79
C GLY C 123 -1.28 13.68 11.90
N GLU C 124 -1.38 14.99 11.69
CA GLU C 124 -2.39 15.55 10.78
C GLU C 124 -2.16 15.00 9.38
N LEU C 125 -3.24 14.65 8.68
CA LEU C 125 -3.16 14.05 7.35
C LEU C 125 -3.97 14.88 6.35
N GLY C 126 -3.36 15.19 5.21
CA GLY C 126 -4.09 15.93 4.20
C GLY C 126 -3.39 16.13 2.88
N ALA C 127 -3.80 17.18 2.18
CA ALA C 127 -3.26 17.50 0.87
C ALA C 127 -3.51 18.96 0.54
N LEU C 128 -2.62 19.53 -0.25
CA LEU C 128 -2.87 20.79 -0.91
C LEU C 128 -2.90 20.48 -2.39
N SER C 129 -4.08 20.63 -3.01
CA SER C 129 -4.22 20.39 -4.44
C SER C 129 -4.37 21.71 -5.16
N LEU C 130 -3.72 21.82 -6.31
CA LEU C 130 -3.73 23.05 -7.09
C LEU C 130 -3.93 22.73 -8.57
N SER C 131 -4.85 23.44 -9.20
CA SER C 131 -5.09 23.27 -10.63
C SER C 131 -4.36 24.36 -11.40
N VAL C 132 -4.06 24.08 -12.67
CA VAL C 132 -3.42 25.04 -13.56
C VAL C 132 -4.20 25.16 -14.87
N GLU C 133 -4.46 26.40 -15.28
CA GLU C 133 -5.05 26.69 -16.57
C GLU C 133 -3.94 26.73 -17.63
N ALA C 134 -4.09 25.93 -18.68
CA ALA C 134 -3.10 25.83 -19.74
C ALA C 134 -3.74 25.38 -21.06
N GLU C 135 -3.00 25.57 -22.16
CA GLU C 135 -3.43 25.14 -23.49
C GLU C 135 -3.46 23.62 -23.62
N ASN C 136 -2.46 22.99 -22.99
CA ASN C 136 -2.29 21.54 -23.02
C ASN C 136 -1.48 21.11 -21.80
N ARG C 137 -1.38 19.81 -21.59
CA ARG C 137 -0.72 19.28 -20.38
C ARG C 137 0.79 19.52 -20.39
N ALA C 138 1.39 19.55 -21.58
CA ALA C 138 2.82 19.84 -21.71
C ALA C 138 3.13 21.25 -21.22
N GLU C 139 2.28 22.21 -21.59
CA GLU C 139 2.40 23.60 -21.13
C GLU C 139 2.22 23.67 -19.62
N ALA C 140 1.23 22.94 -19.12
CA ALA C 140 0.95 22.86 -17.68
C ALA C 140 2.14 22.29 -16.90
N ASN C 141 2.72 21.20 -17.41
CA ASN C 141 3.87 20.56 -16.77
C ASN C 141 5.10 21.46 -16.73
N ARG C 142 5.33 22.21 -17.81
CA ARG C 142 6.42 23.18 -17.84
C ARG C 142 6.22 24.26 -16.78
N PHE C 143 5.00 24.80 -16.69
CA PHE C 143 4.69 25.78 -15.64
C PHE C 143 4.94 25.20 -14.24
N MET C 144 4.39 24.01 -13.99
CA MET C 144 4.46 23.39 -12.68
C MET C 144 5.90 23.11 -12.26
N GLU C 145 6.70 22.63 -13.19
CA GLU C 145 8.12 22.36 -12.92
C GLU C 145 8.84 23.64 -12.54
N SER C 146 8.47 24.75 -13.18
CA SER C 146 9.13 26.04 -12.96
C SER C 146 8.86 26.66 -11.59
N VAL C 147 7.72 26.32 -10.98
CA VAL C 147 7.34 26.89 -9.69
C VAL C 147 7.40 25.86 -8.55
N LEU C 148 7.85 24.65 -8.86
CA LEU C 148 7.83 23.54 -7.92
C LEU C 148 8.60 23.78 -6.61
N PRO C 149 9.82 24.37 -6.67
CA PRO C 149 10.54 24.63 -5.41
C PRO C 149 9.78 25.58 -4.48
N THR C 150 9.13 26.60 -5.05
CA THR C 150 8.34 27.55 -4.27
C THR C 150 7.10 26.88 -3.65
N LEU C 151 6.39 26.09 -4.46
CA LEU C 151 5.22 25.34 -3.99
C LEU C 151 5.61 24.37 -2.88
N TRP C 152 6.77 23.75 -3.03
CA TRP C 152 7.24 22.75 -2.06
C TRP C 152 7.44 23.36 -0.68
N MET C 153 7.94 24.60 -0.65
CA MET C 153 8.04 25.32 0.61
C MET C 153 6.65 25.75 1.10
N LEU C 154 5.85 26.30 0.20
CA LEU C 154 4.52 26.80 0.54
C LEU C 154 3.65 25.74 1.20
N LYS C 155 3.68 24.51 0.68
CA LYS C 155 2.82 23.44 1.23
C LYS C 155 3.11 23.15 2.71
N ASP C 156 4.39 23.22 3.09
CA ASP C 156 4.77 23.02 4.49
C ASP C 156 4.40 24.20 5.38
N TYR C 157 4.62 25.42 4.86
CA TYR C 157 4.14 26.64 5.54
C TYR C 157 2.62 26.60 5.77
N ALA C 158 1.88 26.19 4.74
CA ALA C 158 0.41 26.07 4.84
C ALA C 158 0.02 24.99 5.83
N LEU C 159 0.74 23.88 5.83
CA LEU C 159 0.50 22.80 6.78
C LEU C 159 0.73 23.28 8.22
N GLN C 160 1.88 23.88 8.49
CA GLN C 160 2.21 24.34 9.85
C GLN C 160 1.18 25.36 10.35
N SER C 161 0.84 26.33 9.50
CA SER C 161 -0.13 27.37 9.87
C SER C 161 -1.55 26.82 9.98
N GLY C 162 -1.95 26.06 8.97
CA GLY C 162 -3.31 25.49 8.90
C GLY C 162 -3.64 24.53 10.02
N ALA C 163 -2.68 23.69 10.40
CA ALA C 163 -2.89 22.74 11.49
C ALA C 163 -3.21 23.46 12.81
N GLY C 164 -2.52 24.57 13.05
CA GLY C 164 -2.72 25.39 14.25
C GLY C 164 -4.05 26.12 14.26
N LEU C 165 -4.60 26.38 13.08
CA LEU C 165 -5.90 27.04 12.95
C LEU C 165 -7.04 26.01 13.00
N ALA C 166 -6.81 24.86 12.38
CA ALA C 166 -7.81 23.82 12.27
C ALA C 166 -8.10 23.14 13.61
N PHE C 167 -7.06 22.92 14.41
CA PHE C 167 -7.17 22.02 15.56
C PHE C 167 -6.75 22.61 16.91
N GLU C 168 -6.26 23.85 16.90
CA GLU C 168 -5.86 24.52 18.15
C GLU C 168 -6.71 25.77 18.40
N LEU D 3 18.48 16.35 -8.82
CA LEU D 3 17.67 16.06 -7.61
C LEU D 3 16.60 14.98 -7.88
N VAL D 4 15.86 15.16 -8.96
CA VAL D 4 14.90 14.13 -9.42
C VAL D 4 15.70 12.88 -9.82
N ASP D 5 16.82 13.11 -10.50
CA ASP D 5 17.79 12.05 -10.80
C ASP D 5 18.38 11.44 -9.53
N GLY D 6 18.61 12.29 -8.53
CA GLY D 6 19.15 11.87 -7.24
C GLY D 6 18.25 10.92 -6.47
N PHE D 7 16.96 11.23 -6.46
CA PHE D 7 15.96 10.36 -5.84
C PHE D 7 15.93 9.00 -6.55
N LEU D 8 16.01 9.04 -7.88
CA LEU D 8 16.07 7.84 -8.71
C LEU D 8 17.30 6.99 -8.34
N GLU D 9 18.43 7.67 -8.13
CA GLU D 9 19.66 7.02 -7.69
C GLU D 9 19.52 6.40 -6.30
N LEU D 10 18.81 7.10 -5.42
CA LEU D 10 18.51 6.59 -4.08
C LEU D 10 17.61 5.36 -4.13
N GLU D 11 16.64 5.39 -5.05
CA GLU D 11 15.70 4.29 -5.23
C GLU D 11 16.35 3.08 -5.90
N ARG D 12 17.17 3.33 -6.92
CA ARG D 12 17.87 2.27 -7.65
C ARG D 12 18.91 1.56 -6.79
N SER D 13 19.49 2.29 -5.84
CA SER D 13 20.44 1.71 -4.89
C SER D 13 19.71 0.84 -3.88
N SER D 14 20.37 -0.22 -3.44
CA SER D 14 19.84 -1.07 -2.38
C SER D 14 20.95 -1.37 -1.38
N GLY D 15 20.89 -0.69 -0.25
CA GLY D 15 21.89 -0.83 0.81
C GLY D 15 22.06 0.44 1.61
N LYS D 16 22.02 0.29 2.94
CA LYS D 16 22.17 1.36 3.91
C LYS D 16 23.37 2.28 3.61
N LEU D 17 24.51 1.67 3.27
CA LEU D 17 25.75 2.39 2.98
C LEU D 17 25.69 3.16 1.66
N GLU D 18 25.23 2.48 0.60
CA GLU D 18 25.18 3.07 -0.74
C GLU D 18 24.20 4.26 -0.81
N TRP D 19 23.04 4.09 -0.17
CA TRP D 19 22.03 5.14 -0.08
C TRP D 19 22.61 6.38 0.59
N SER D 20 23.29 6.17 1.71
CA SER D 20 23.90 7.26 2.48
C SER D 20 24.98 7.98 1.68
N ALA D 21 25.80 7.23 0.95
CA ALA D 21 26.84 7.83 0.11
C ALA D 21 26.26 8.73 -0.97
N ILE D 22 25.13 8.31 -1.55
CA ILE D 22 24.40 9.11 -2.53
C ILE D 22 23.85 10.40 -1.89
N LEU D 23 23.17 10.26 -0.75
CA LEU D 23 22.60 11.44 -0.07
C LEU D 23 23.69 12.45 0.32
N GLN D 24 24.80 11.94 0.85
CA GLN D 24 25.94 12.79 1.21
C GLN D 24 26.51 13.54 0.02
N LYS D 25 26.57 12.87 -1.13
CA LYS D 25 27.08 13.48 -2.35
C LYS D 25 26.16 14.59 -2.85
N MET D 26 24.86 14.33 -2.84
CA MET D 26 23.85 15.34 -3.21
C MET D 26 23.98 16.56 -2.30
N ALA D 27 24.15 16.32 -1.01
CA ALA D 27 24.32 17.42 -0.04
C ALA D 27 25.63 18.17 -0.30
N SER D 28 26.71 17.43 -0.52
CA SER D 28 28.02 17.99 -0.84
C SER D 28 27.99 18.84 -2.10
N ASP D 29 27.33 18.34 -3.15
CA ASP D 29 27.19 19.07 -4.42
C ASP D 29 26.44 20.39 -4.23
N LEU D 30 25.52 20.40 -3.27
CA LEU D 30 24.76 21.61 -2.94
C LEU D 30 25.60 22.60 -2.13
N GLY D 31 26.60 22.09 -1.41
CA GLY D 31 27.52 22.92 -0.64
C GLY D 31 27.58 22.63 0.85
N PHE D 32 27.05 21.48 1.26
CA PHE D 32 27.05 21.06 2.67
C PHE D 32 27.96 19.84 2.88
N SER D 33 29.06 20.03 3.61
CA SER D 33 30.05 18.96 3.78
C SER D 33 29.66 17.87 4.78
N LYS D 34 28.79 18.21 5.74
CA LYS D 34 28.37 17.23 6.76
C LYS D 34 26.86 17.17 6.89
N ILE D 35 26.32 15.95 6.89
CA ILE D 35 24.88 15.74 7.07
C ILE D 35 24.58 14.56 7.99
N LEU D 36 23.41 14.62 8.62
CA LEU D 36 22.87 13.49 9.36
C LEU D 36 21.39 13.31 9.04
N PHE D 37 21.03 12.09 8.64
CA PHE D 37 19.65 11.70 8.39
C PHE D 37 19.28 10.72 9.48
N GLY D 38 18.28 11.08 10.29
CA GLY D 38 17.84 10.26 11.40
C GLY D 38 16.35 10.03 11.33
N LEU D 39 15.93 8.78 11.49
CA LEU D 39 14.52 8.44 11.35
C LEU D 39 14.11 7.36 12.37
N LEU D 40 13.02 7.63 13.07
CA LEU D 40 12.43 6.71 14.03
C LEU D 40 11.12 6.16 13.49
N PRO D 41 10.81 4.89 13.82
CA PRO D 41 9.50 4.29 13.48
C PRO D 41 8.37 4.92 14.27
N LYS D 42 7.14 4.80 13.75
CA LYS D 42 5.93 5.29 14.41
C LYS D 42 5.87 4.85 15.87
N ASP D 43 5.70 5.83 16.77
CA ASP D 43 5.60 5.61 18.22
C ASP D 43 6.86 4.97 18.83
N SER D 44 7.96 5.71 18.82
CA SER D 44 9.22 5.25 19.39
C SER D 44 9.48 5.84 20.77
N GLN D 45 9.88 4.98 21.71
CA GLN D 45 10.15 5.38 23.08
C GLN D 45 11.62 5.72 23.32
N ASP D 46 12.49 5.23 22.43
CA ASP D 46 13.93 5.49 22.52
C ASP D 46 14.56 5.58 21.13
N TYR D 47 15.74 4.97 20.96
CA TYR D 47 16.48 5.03 19.70
C TYR D 47 17.05 3.67 19.31
N GLU D 48 16.38 2.59 19.75
CA GLU D 48 16.83 1.23 19.50
C GLU D 48 16.61 0.82 18.05
N ASN D 49 15.50 1.26 17.47
CA ASN D 49 15.17 0.99 16.07
C ASN D 49 15.50 2.16 15.15
N ALA D 50 16.26 3.12 15.69
CA ALA D 50 16.60 4.35 14.97
C ALA D 50 17.48 4.09 13.75
N PHE D 51 17.07 4.66 12.62
CA PHE D 51 17.86 4.62 11.40
C PHE D 51 18.63 5.94 11.30
N ILE D 52 19.92 5.87 11.60
CA ILE D 52 20.78 7.05 11.58
C ILE D 52 21.96 6.84 10.63
N VAL D 53 22.02 7.68 9.60
CA VAL D 53 23.11 7.62 8.62
C VAL D 53 23.62 9.02 8.29
N GLY D 54 24.85 9.09 7.82
CA GLY D 54 25.47 10.35 7.41
C GLY D 54 26.98 10.39 7.59
N ASN D 55 27.54 11.60 7.56
CA ASN D 55 28.99 11.76 7.68
C ASN D 55 29.42 12.76 8.77
N TYR D 56 28.57 12.91 9.79
CA TYR D 56 29.01 13.54 11.04
C TYR D 56 30.19 12.75 11.60
N PRO D 57 31.18 13.45 12.18
CA PRO D 57 32.35 12.76 12.73
C PRO D 57 31.99 11.73 13.80
N ALA D 58 32.70 10.61 13.81
CA ALA D 58 32.46 9.52 14.76
C ALA D 58 32.50 9.97 16.23
N ALA D 59 33.51 10.75 16.59
CA ALA D 59 33.67 11.24 17.96
C ALA D 59 32.46 12.03 18.43
N TRP D 60 31.89 12.84 17.53
CA TRP D 60 30.71 13.63 17.86
C TRP D 60 29.47 12.75 18.00
N ARG D 61 29.30 11.81 17.07
CA ARG D 61 28.21 10.83 17.19
C ARG D 61 28.23 10.12 18.55
N GLU D 62 29.41 9.65 18.96
CA GLU D 62 29.58 8.96 20.24
C GLU D 62 29.30 9.87 21.42
N HIS D 63 29.84 11.09 21.36
CA HIS D 63 29.72 12.08 22.44
C HIS D 63 28.26 12.50 22.63
N TYR D 64 27.57 12.75 21.51
CA TYR D 64 26.15 13.10 21.53
C TYR D 64 25.34 12.01 22.23
N ASP D 65 25.59 10.76 21.87
CA ASP D 65 24.91 9.61 22.49
C ASP D 65 25.23 9.48 23.97
N ARG D 66 26.52 9.54 24.30
CA ARG D 66 26.97 9.36 25.68
C ARG D 66 26.54 10.51 26.61
N ALA D 67 26.57 11.73 26.10
CA ALA D 67 26.17 12.91 26.87
C ALA D 67 24.64 13.08 26.97
N GLY D 68 23.91 12.26 26.22
CA GLY D 68 22.44 12.31 26.20
C GLY D 68 21.88 13.59 25.60
N TYR D 69 22.54 14.09 24.56
CA TYR D 69 22.19 15.38 23.97
C TYR D 69 20.83 15.44 23.27
N ALA D 70 20.25 14.28 22.95
CA ALA D 70 18.93 14.22 22.31
C ALA D 70 17.83 14.84 23.17
N ARG D 71 18.18 15.18 24.42
CA ARG D 71 17.25 15.81 25.34
C ARG D 71 17.63 17.26 25.66
N VAL D 72 18.75 17.71 25.09
CA VAL D 72 19.22 19.09 25.26
C VAL D 72 19.07 19.84 23.93
N ASP D 73 19.58 19.22 22.86
CA ASP D 73 19.44 19.68 21.48
C ASP D 73 18.08 20.33 21.22
N PRO D 74 18.08 21.66 20.95
CA PRO D 74 16.79 22.34 20.73
C PRO D 74 16.07 21.91 19.44
N THR D 75 16.83 21.42 18.46
CA THR D 75 16.24 20.98 17.19
C THR D 75 15.36 19.74 17.33
N VAL D 76 15.69 18.88 18.28
CA VAL D 76 14.91 17.66 18.52
C VAL D 76 13.48 17.96 18.98
N SER D 77 13.34 18.83 19.97
CA SER D 77 11.99 19.22 20.43
C SER D 77 11.24 19.96 19.32
N HIS D 78 11.97 20.74 18.53
CA HIS D 78 11.36 21.45 17.40
C HIS D 78 10.77 20.48 16.38
N CYS D 79 11.51 19.41 16.07
CA CYS D 79 11.05 18.40 15.11
C CYS D 79 9.75 17.71 15.52
N THR D 80 9.51 17.57 16.82
CA THR D 80 8.29 16.94 17.30
C THR D 80 7.06 17.86 17.13
N GLN D 81 7.32 19.15 16.90
CA GLN D 81 6.27 20.17 16.90
C GLN D 81 6.03 20.85 15.55
N SER D 82 6.96 20.70 14.61
CA SER D 82 6.90 21.46 13.37
C SER D 82 7.38 20.68 12.13
N VAL D 83 6.89 21.12 10.97
CA VAL D 83 7.42 20.67 9.67
C VAL D 83 8.43 21.65 9.08
N LEU D 84 8.61 22.80 9.73
CA LEU D 84 9.45 23.86 9.20
C LEU D 84 10.90 23.71 9.65
N PRO D 85 11.87 24.13 8.82
CA PRO D 85 13.29 24.02 9.22
C PRO D 85 13.60 24.91 10.42
N ILE D 86 14.55 24.47 11.23
CA ILE D 86 15.11 25.30 12.30
C ILE D 86 16.59 25.55 12.00
N PHE D 87 16.93 26.82 11.83
CA PHE D 87 18.32 27.19 11.56
C PHE D 87 19.08 27.21 12.87
N TRP D 88 20.36 26.86 12.82
CA TRP D 88 21.20 26.85 14.02
C TRP D 88 21.61 28.27 14.40
N GLU D 89 20.61 29.09 14.71
CA GLU D 89 20.81 30.48 15.08
C GLU D 89 21.17 30.59 16.55
N PRO D 90 21.99 31.60 16.92
CA PRO D 90 22.42 31.71 18.31
C PRO D 90 21.23 31.71 19.28
N SER D 91 20.09 32.25 18.83
CA SER D 91 18.89 32.35 19.65
C SER D 91 18.22 31.03 20.06
N ILE D 92 18.47 29.95 19.31
CA ILE D 92 17.90 28.64 19.69
C ILE D 92 18.63 28.02 20.89
N TYR D 93 19.84 28.52 21.17
CA TYR D 93 20.61 28.07 22.34
C TYR D 93 20.41 29.03 23.51
N GLN D 94 19.51 28.65 24.40
CA GLN D 94 19.08 29.51 25.50
C GLN D 94 19.69 29.13 26.86
N THR D 95 19.66 27.84 27.19
CA THR D 95 20.18 27.37 28.48
C THR D 95 21.71 27.18 28.46
N ARG D 96 22.29 26.96 29.64
CA ARG D 96 23.73 26.69 29.75
C ARG D 96 24.14 25.37 29.11
N LYS D 97 23.29 24.35 29.25
CA LYS D 97 23.51 23.07 28.59
C LYS D 97 23.45 23.20 27.07
N GLN D 98 22.56 24.07 26.59
CA GLN D 98 22.41 24.33 25.16
C GLN D 98 23.59 25.15 24.64
N HIS D 99 24.05 26.08 25.48
CA HIS D 99 25.27 26.83 25.18
C HIS D 99 26.47 25.89 25.11
N GLU D 100 26.49 24.91 26.00
CA GLU D 100 27.53 23.88 25.97
C GLU D 100 27.40 23.02 24.73
N PHE D 101 26.17 22.57 24.46
CA PHE D 101 25.88 21.80 23.24
C PHE D 101 26.39 22.53 22.00
N PHE D 102 26.09 23.84 21.91
CA PHE D 102 26.64 24.68 20.84
C PHE D 102 28.17 24.65 20.82
N GLU D 103 28.80 24.82 21.97
CA GLU D 103 30.26 24.79 22.08
C GLU D 103 30.83 23.44 21.68
N GLU D 104 30.23 22.37 22.22
CA GLU D 104 30.64 20.99 21.94
C GLU D 104 30.48 20.66 20.46
N ALA D 105 29.34 21.03 19.87
CA ALA D 105 29.12 20.85 18.44
C ALA D 105 30.12 21.68 17.62
N SER D 106 30.34 22.93 18.02
CA SER D 106 31.30 23.83 17.41
C SER D 106 32.72 23.27 17.49
N ALA D 107 33.09 22.80 18.67
CA ALA D 107 34.40 22.17 18.92
C ALA D 107 34.55 20.90 18.09
N ALA D 108 33.43 20.20 17.90
CA ALA D 108 33.38 19.02 17.05
C ALA D 108 33.38 19.38 15.56
N GLY D 109 33.20 20.67 15.26
CA GLY D 109 33.31 21.18 13.89
C GLY D 109 31.99 21.57 13.24
N LEU D 110 30.91 21.47 14.00
CA LEU D 110 29.57 21.72 13.47
C LEU D 110 28.98 22.98 14.10
N VAL D 111 29.08 24.09 13.38
CA VAL D 111 28.64 25.38 13.91
C VAL D 111 27.50 26.03 13.13
N TYR D 112 27.57 26.02 11.80
CA TYR D 112 26.54 26.62 10.98
C TYR D 112 25.74 25.55 10.27
N GLY D 113 24.43 25.77 10.13
CA GLY D 113 23.59 24.78 9.49
C GLY D 113 22.13 24.89 9.84
N LEU D 114 21.39 23.83 9.54
CA LEU D 114 19.95 23.78 9.81
C LEU D 114 19.50 22.34 9.95
N THR D 115 18.36 22.17 10.60
CA THR D 115 17.72 20.87 10.79
C THR D 115 16.35 20.94 10.16
N MET D 116 16.05 19.98 9.29
CA MET D 116 14.77 19.90 8.60
C MET D 116 14.00 18.73 9.18
N PRO D 117 12.88 18.99 9.88
CA PRO D 117 12.11 17.90 10.48
C PRO D 117 11.55 16.97 9.41
N LEU D 118 11.43 15.70 9.75
CA LEU D 118 10.87 14.73 8.82
C LEU D 118 9.66 14.08 9.46
N HIS D 119 8.56 14.07 8.72
CA HIS D 119 7.34 13.40 9.17
C HIS D 119 6.77 12.58 8.03
N GLY D 120 6.95 11.26 8.13
CA GLY D 120 6.59 10.34 7.07
C GLY D 120 5.12 9.99 7.01
N ALA D 121 4.70 9.48 5.86
CA ALA D 121 3.30 9.10 5.63
C ALA D 121 2.83 7.97 6.53
N ARG D 122 3.77 7.15 7.01
CA ARG D 122 3.42 6.05 7.91
C ARG D 122 3.79 6.33 9.38
N GLY D 123 3.99 7.60 9.70
CA GLY D 123 4.23 8.02 11.09
C GLY D 123 5.69 8.10 11.49
N GLU D 124 6.58 7.97 10.51
CA GLU D 124 8.03 8.07 10.73
C GLU D 124 8.35 9.47 11.24
N LEU D 125 9.27 9.56 12.19
CA LEU D 125 9.68 10.84 12.77
C LEU D 125 11.18 10.98 12.70
N GLY D 126 11.67 12.14 12.28
CA GLY D 126 13.10 12.33 12.20
C GLY D 126 13.54 13.72 11.81
N ALA D 127 14.74 13.78 11.25
CA ALA D 127 15.32 15.03 10.81
C ALA D 127 16.42 14.78 9.80
N LEU D 128 16.55 15.70 8.85
CA LEU D 128 17.73 15.79 8.04
C LEU D 128 18.46 17.05 8.49
N SER D 129 19.63 16.87 9.09
CA SER D 129 20.47 18.01 9.50
C SER D 129 21.63 18.19 8.53
N LEU D 130 21.94 19.44 8.23
CA LEU D 130 23.03 19.76 7.30
C LEU D 130 23.85 20.91 7.85
N SER D 131 25.16 20.72 7.91
CA SER D 131 26.09 21.77 8.34
C SER D 131 26.87 22.31 7.14
N VAL D 132 27.21 23.61 7.20
CA VAL D 132 27.99 24.24 6.16
C VAL D 132 29.27 24.86 6.72
N GLU D 133 30.36 24.70 5.96
CA GLU D 133 31.62 25.33 6.28
C GLU D 133 31.57 26.77 5.78
N ALA D 134 31.73 27.73 6.67
CA ALA D 134 31.68 29.15 6.30
C ALA D 134 32.59 30.00 7.17
N GLU D 135 32.92 31.20 6.67
CA GLU D 135 33.82 32.13 7.37
C GLU D 135 33.18 32.71 8.63
N ASN D 136 31.86 32.89 8.56
CA ASN D 136 31.04 33.35 9.69
C ASN D 136 29.56 33.06 9.41
N ARG D 137 28.72 33.25 10.42
CA ARG D 137 27.29 32.95 10.29
C ARG D 137 26.58 33.80 9.23
N ALA D 138 26.93 35.07 9.13
CA ALA D 138 26.38 35.93 8.07
C ALA D 138 26.56 35.31 6.69
N GLU D 139 27.76 34.80 6.41
CA GLU D 139 28.07 34.14 5.15
C GLU D 139 27.33 32.81 5.02
N ALA D 140 27.28 32.07 6.13
CA ALA D 140 26.55 30.80 6.18
C ALA D 140 25.08 30.99 5.86
N ASN D 141 24.46 31.97 6.52
CA ASN D 141 23.04 32.27 6.32
C ASN D 141 22.72 32.74 4.91
N ARG D 142 23.60 33.55 4.34
CA ARG D 142 23.45 34.01 2.96
C ARG D 142 23.48 32.82 1.99
N PHE D 143 24.38 31.88 2.26
CA PHE D 143 24.45 30.65 1.48
C PHE D 143 23.19 29.78 1.61
N MET D 144 22.81 29.48 2.85
CA MET D 144 21.68 28.58 3.12
C MET D 144 20.38 29.10 2.53
N GLU D 145 20.18 30.42 2.64
CA GLU D 145 19.00 31.07 2.08
C GLU D 145 18.93 30.88 0.56
N SER D 146 20.09 30.92 -0.09
CA SER D 146 20.19 30.80 -1.55
C SER D 146 19.90 29.38 -2.08
N VAL D 147 20.05 28.37 -1.24
CA VAL D 147 19.82 26.98 -1.65
C VAL D 147 18.60 26.35 -0.98
N LEU D 148 17.95 27.11 -0.10
CA LEU D 148 16.84 26.60 0.72
C LEU D 148 15.72 25.88 -0.06
N PRO D 149 15.27 26.43 -1.22
CA PRO D 149 14.19 25.75 -1.95
C PRO D 149 14.56 24.34 -2.43
N THR D 150 15.79 24.19 -2.90
CA THR D 150 16.32 22.88 -3.32
C THR D 150 16.40 21.92 -2.12
N LEU D 151 16.92 22.43 -1.01
CA LEU D 151 17.04 21.69 0.24
C LEU D 151 15.67 21.22 0.73
N TRP D 152 14.66 22.07 0.57
CA TRP D 152 13.33 21.79 1.07
C TRP D 152 12.71 20.61 0.31
N MET D 153 13.00 20.54 -1.00
CA MET D 153 12.59 19.39 -1.80
C MET D 153 13.38 18.15 -1.40
N LEU D 154 14.69 18.31 -1.25
CA LEU D 154 15.60 17.22 -0.91
C LEU D 154 15.19 16.45 0.35
N LYS D 155 14.82 17.19 1.39
CA LYS D 155 14.45 16.53 2.66
C LYS D 155 13.27 15.56 2.49
N ASP D 156 12.29 15.92 1.66
CA ASP D 156 11.16 15.03 1.39
C ASP D 156 11.52 13.84 0.51
N TYR D 157 12.34 14.06 -0.52
CA TYR D 157 12.86 12.94 -1.33
C TYR D 157 13.66 11.97 -0.47
N ALA D 158 14.51 12.52 0.40
CA ALA D 158 15.31 11.70 1.30
C ALA D 158 14.40 10.92 2.24
N LEU D 159 13.39 11.60 2.77
CA LEU D 159 12.41 10.96 3.66
C LEU D 159 11.69 9.80 2.96
N GLN D 160 11.15 10.06 1.77
CA GLN D 160 10.37 9.04 1.06
C GLN D 160 11.20 7.80 0.73
N SER D 161 12.41 8.02 0.21
CA SER D 161 13.34 6.94 -0.11
C SER D 161 13.89 6.25 1.13
N GLY D 162 14.26 7.05 2.13
CA GLY D 162 14.90 6.55 3.35
C GLY D 162 13.99 5.72 4.23
N ALA D 163 12.72 6.12 4.33
CA ALA D 163 11.73 5.38 5.10
C ALA D 163 11.48 3.98 4.54
N GLY D 164 11.51 3.85 3.21
CA GLY D 164 11.33 2.57 2.53
C GLY D 164 12.53 1.66 2.68
N LEU D 165 13.70 2.26 2.80
CA LEU D 165 14.95 1.54 3.04
C LEU D 165 15.06 1.11 4.51
N ALA D 166 14.52 1.94 5.41
CA ALA D 166 14.70 1.75 6.85
C ALA D 166 13.75 0.75 7.51
N PHE D 167 12.45 0.90 7.27
CA PHE D 167 11.44 0.14 8.03
C PHE D 167 10.55 -0.76 7.17
N GLU D 168 10.78 -0.77 5.86
CA GLU D 168 9.95 -1.53 4.93
C GLU D 168 10.79 -2.12 3.79
C1 FY4 E . -23.44 -19.31 -13.86
C2 FY4 E . -24.79 -19.46 -13.57
C3 FY4 E . -25.71 -18.57 -14.11
C4 FY4 E . -25.25 -17.55 -14.96
C5 FY4 E . -23.91 -17.42 -15.25
C6 FY4 E . -23.00 -18.31 -14.70
C7 FY4 E . -21.51 -18.23 -14.96
C9 FY4 E . -20.94 -16.22 -16.33
C10 FY4 E . -20.45 -15.74 -17.67
C11 FY4 E . -19.22 -16.23 -18.10
C12 FY4 E . -18.68 -15.84 -19.33
C13 FY4 E . -19.38 -14.93 -20.13
C14 FY4 E . -20.60 -14.43 -19.70
C15 FY4 E . -21.14 -14.83 -18.48
C21 FY4 E . -21.92 -20.16 -12.06
C25 FY4 E . -21.06 -21.34 -11.78
C27 FY4 E . -20.73 -23.73 -11.80
C26 FY4 E . -21.54 -22.63 -12.05
C28 FY4 E . -19.44 -23.53 -11.30
C29 FY4 E . -18.97 -22.25 -11.04
C30 FY4 E . -19.77 -21.15 -11.29
O22 FY4 E . -22.14 -19.24 -11.29
O20 FY4 E . -22.52 -20.19 -13.37
BR1 FY4 E . -25.36 -20.86 -12.43
BR2 FY4 E . -26.48 -16.34 -15.71
N8 FY4 E . -21.10 -17.53 -16.17
O17 FY4 E . -21.15 -15.41 -15.44
N16 FY4 E . -22.40 -14.32 -18.11
O19 FY4 E . -23.29 -15.11 -17.42
O18 FY4 E . -22.75 -13.20 -18.44
CL1 FY4 E . -18.36 -24.91 -10.97
C1 FY4 F . 4.78 -27.71 7.38
C2 FY4 F . 5.68 -28.75 7.24
C3 FY4 F . 6.98 -28.60 7.68
C4 FY4 F . 7.35 -27.39 8.27
C5 FY4 F . 6.45 -26.35 8.42
C6 FY4 F . 5.14 -26.52 7.98
C7 FY4 F . 4.10 -25.43 8.10
C9 FY4 F . 5.06 -23.34 9.11
C10 FY4 F . 5.09 -22.45 10.32
C11 FY4 F . 3.88 -21.88 10.71
C12 FY4 F . 3.84 -21.03 11.80
C13 FY4 F . 5.01 -20.72 12.50
C14 FY4 F . 6.21 -21.28 12.10
C15 FY4 F . 6.26 -22.14 11.00
C21 FY4 F . 2.92 -27.80 5.68
C25 FY4 F . 1.48 -28.17 5.62
C27 FY4 F . -0.34 -29.68 6.16
C26 FY4 F . 1.03 -29.36 6.21
C28 FY4 F . -1.23 -28.82 5.53
C29 FY4 F . -0.77 -27.63 4.97
C30 FY4 F . 0.58 -27.31 5.01
O22 FY4 F . 3.60 -27.44 4.73
O20 FY4 F . 3.49 -27.88 6.99
BR1 FY4 F . 5.15 -30.35 6.43
BR2 FY4 F . 9.12 -27.19 8.87
N8 FY4 F . 4.32 -24.45 9.15
O17 FY4 F . 5.70 -23.01 8.12
N16 FY4 F . 7.50 -22.71 10.64
O19 FY4 F . 7.54 -24.01 10.18
O18 FY4 F . 8.54 -22.08 10.76
CL1 FY4 F . -2.98 -29.15 5.43
C1 FY4 G . -10.54 16.11 -1.90
C2 FY4 G . -11.77 16.52 -1.44
C3 FY4 G . -12.67 17.15 -2.29
C4 FY4 G . -12.32 17.35 -3.61
C5 FY4 G . -11.06 16.92 -4.09
C6 FY4 G . -10.18 16.30 -3.23
C7 FY4 G . -8.80 15.82 -3.66
C9 FY4 G . -8.32 16.63 -6.00
C10 FY4 G . -8.10 16.21 -7.43
C11 FY4 G . -7.03 15.37 -7.70
C12 FY4 G . -6.76 14.95 -9.01
C13 FY4 G . -7.57 15.37 -10.06
C14 FY4 G . -8.64 16.22 -9.80
C15 FY4 G . -8.92 16.64 -8.49
C21 FY4 G . -8.78 16.03 -0.12
C25 FY4 G . -8.00 15.01 0.66
C27 FY4 G . -7.94 12.98 1.96
C26 FY4 G . -8.66 13.94 1.25
C28 FY4 G . -6.55 13.10 2.05
C29 FY4 G . -5.89 14.16 1.44
C30 FY4 G . -6.62 15.11 0.74
O22 FY4 G . -8.65 17.24 0.00
O20 FY4 G . -9.71 15.46 -1.05
BR1 FY4 G . -12.21 16.23 0.36
BR2 FY4 G . -13.53 18.18 -4.76
N8 FY4 G . -8.59 15.69 -5.10
O17 FY4 G . -8.21 17.83 -5.72
N16 FY4 G . -10.02 17.48 -8.29
O19 FY4 G . -10.81 17.31 -7.17
O18 FY4 G . -10.32 18.32 -9.12
CL1 FY4 G . -5.58 11.90 2.93
C1 FY4 H . 20.74 13.75 16.33
C2 FY4 H . 21.44 12.61 16.70
C3 FY4 H . 22.82 12.62 16.76
C4 FY4 H . 23.49 13.80 16.47
C5 FY4 H . 22.80 14.96 16.11
C6 FY4 H . 21.42 14.94 16.05
C7 FY4 H . 20.60 16.15 15.67
C9 FY4 H . 22.06 18.09 15.05
C10 FY4 H . 22.55 19.46 15.47
C11 FY4 H . 21.59 20.45 15.62
C12 FY4 H . 21.96 21.75 15.98
C13 FY4 H . 23.30 22.04 16.17
C14 FY4 H . 24.27 21.05 16.03
C15 FY4 H . 23.90 19.76 15.67
C21 FY4 H . 18.51 13.49 15.21
C25 FY4 H . 17.05 13.50 15.54
C27 FY4 H . 15.24 12.78 16.94
C26 FY4 H . 16.60 12.77 16.63
C28 FY4 H . 14.36 13.55 16.18
C29 FY4 H . 14.82 14.29 15.10
C30 FY4 H . 16.18 14.27 14.79
O22 FY4 H . 18.95 13.34 14.08
O20 FY4 H . 19.38 13.72 16.32
BR1 FY4 H . 20.47 11.04 17.09
BR2 FY4 H . 25.36 13.82 16.56
N8 FY4 H . 21.24 17.45 15.86
O17 FY4 H . 22.43 17.62 13.98
N16 FY4 H . 24.88 18.78 15.53
O19 FY4 H . 24.65 17.51 16.02
O18 FY4 H . 25.96 19.03 15.01
CL1 FY4 H . 12.62 13.59 16.56
#